data_3MAX
#
_entry.id   3MAX
#
_cell.length_a   92.311
_cell.length_b   97.227
_cell.length_c   138.849
_cell.angle_alpha   90.00
_cell.angle_beta   90.00
_cell.angle_gamma   90.00
#
_symmetry.space_group_name_H-M   'P 21 21 21'
#
loop_
_entity.id
_entity.type
_entity.pdbx_description
1 polymer 'Histone deacetylase 2'
2 non-polymer 'ZINC ION'
3 non-polymer 'CALCIUM ION'
4 non-polymer 'SODIUM ION'
5 non-polymer N-(4-aminobiphenyl-3-yl)benzamide
6 non-polymer '2-[N-CYCLOHEXYLAMINO]ETHANE SULFONIC ACID'
7 water water
#
_entity_poly.entity_id   1
_entity_poly.type   'polypeptide(L)'
_entity_poly.pdbx_seq_one_letter_code
;AKKKVCYYYDGDIGNYYYGQGHPMKPHRIRMTHNLLLNYGLYRKMEIYRPHKATAEEMTKYHSDEYIKFLRSIRPDNMSE
YSKQMQRFNVGEDCPVFDGLFEFCQLSTGGSVAGAVKLNRQQTDMAVNWAGGLHHAKKSEASGFCYVNDIVLAILELLKY
HQRVLYIDIDIHHGDGVEEAFYTTDRVMTVSFHKYGEYFPGTGDLRDIGAGKGKYYAVNFPMRDGIDDESYGQIFKPIIS
KVMEMYQPSAVVLQCGADSLSGDRLGCFNLTVKGHAKCVEVVKTFNLPLLMLGGGGYTIRNVARCWTYETAVALDCEIPN
ELPYNDYFEYFGPDFKLHISPSNMTNQNTPEYMEKIKQRLFENLRML
;
_entity_poly.pdbx_strand_id   A,B,C
#
loop_
_chem_comp.id
_chem_comp.type
_chem_comp.name
_chem_comp.formula
CA non-polymer 'CALCIUM ION' 'Ca 2'
LLX non-polymer N-(4-aminobiphenyl-3-yl)benzamide 'C19 H16 N2 O'
NA non-polymer 'SODIUM ION' 'Na 1'
NHE non-polymer '2-[N-CYCLOHEXYLAMINO]ETHANE SULFONIC ACID' 'C8 H17 N O3 S'
ZN non-polymer 'ZINC ION' 'Zn 2'
#
# COMPACT_ATOMS: atom_id res chain seq x y z
N ALA A 1 3.62 31.14 22.07
CA ALA A 1 2.45 31.79 22.77
C ALA A 1 1.33 32.22 21.82
N LYS A 2 0.56 33.25 22.20
CA LYS A 2 -0.47 33.80 21.31
C LYS A 2 0.20 34.64 20.23
N LYS A 3 -0.37 34.62 19.02
CA LYS A 3 0.32 35.26 17.91
C LYS A 3 -0.37 36.51 17.44
N LYS A 4 0.38 37.44 16.88
CA LYS A 4 -0.23 38.60 16.26
C LYS A 4 -0.74 38.18 14.88
N VAL A 5 -2.01 38.51 14.60
CA VAL A 5 -2.70 38.19 13.33
C VAL A 5 -3.17 39.46 12.61
N CYS A 6 -2.76 39.58 11.36
CA CYS A 6 -3.24 40.61 10.45
C CYS A 6 -4.11 39.92 9.39
N TYR A 7 -5.26 40.51 9.13
CA TYR A 7 -6.30 39.88 8.31
C TYR A 7 -6.69 40.85 7.20
N TYR A 8 -6.72 40.36 5.96
CA TYR A 8 -6.98 41.20 4.77
C TYR A 8 -8.37 40.92 4.15
N TYR A 9 -9.12 41.98 3.94
CA TYR A 9 -10.48 41.86 3.39
C TYR A 9 -10.84 43.13 2.69
N ASP A 10 -11.44 42.99 1.51
CA ASP A 10 -12.04 44.10 0.82
C ASP A 10 -13.51 43.77 0.63
N GLY A 11 -14.40 44.61 1.16
CA GLY A 11 -15.85 44.37 1.09
C GLY A 11 -16.43 44.33 -0.30
N ASP A 12 -15.70 44.86 -1.30
CA ASP A 12 -16.12 44.80 -2.72
C ASP A 12 -16.09 43.38 -3.28
N ILE A 13 -15.25 42.53 -2.67
CA ILE A 13 -15.08 41.13 -3.09
C ILE A 13 -16.39 40.35 -3.35
N GLY A 14 -17.37 40.50 -2.46
CA GLY A 14 -18.59 39.73 -2.56
C GLY A 14 -19.43 40.13 -3.75
N ASN A 15 -19.07 41.24 -4.41
CA ASN A 15 -19.87 41.71 -5.55
C ASN A 15 -19.45 41.14 -6.93
N TYR A 16 -18.32 40.45 -7.00
CA TYR A 16 -17.93 39.82 -8.28
C TYR A 16 -18.75 38.56 -8.51
N TYR A 17 -19.12 38.36 -9.77
CA TYR A 17 -20.04 37.31 -10.16
C TYR A 17 -19.56 36.56 -11.39
N TYR A 18 -19.25 35.27 -11.21
CA TYR A 18 -18.75 34.42 -12.29
C TYR A 18 -19.81 34.08 -13.36
N GLY A 19 -21.10 34.31 -13.07
CA GLY A 19 -22.16 34.03 -14.05
C GLY A 19 -23.12 32.95 -13.56
N GLN A 20 -24.28 32.86 -14.21
CA GLN A 20 -25.34 31.94 -13.79
C GLN A 20 -24.86 30.49 -13.76
N GLY A 21 -25.11 29.80 -12.66
CA GLY A 21 -24.70 28.40 -12.56
C GLY A 21 -23.22 28.14 -12.25
N HIS A 22 -22.35 29.14 -12.36
CA HIS A 22 -20.93 28.93 -11.98
C HIS A 22 -20.78 28.69 -10.47
N PRO A 23 -20.14 27.57 -10.09
CA PRO A 23 -20.03 27.23 -8.67
C PRO A 23 -19.12 28.15 -7.80
N MET A 24 -18.23 28.91 -8.43
CA MET A 24 -17.40 29.84 -7.65
C MET A 24 -18.18 31.10 -7.29
N LYS A 25 -18.33 31.35 -6.01
CA LYS A 25 -19.15 32.46 -5.53
C LYS A 25 -18.36 33.36 -4.59
N PRO A 26 -17.77 34.45 -5.11
CA PRO A 26 -16.94 35.34 -4.27
C PRO A 26 -17.65 35.82 -3.00
N HIS A 27 -18.97 35.85 -3.08
CA HIS A 27 -19.86 36.19 -1.97
C HIS A 27 -19.51 35.37 -0.70
N ARG A 28 -19.00 34.15 -0.86
CA ARG A 28 -18.58 33.35 0.32
C ARG A 28 -17.55 34.04 1.22
N ILE A 29 -16.75 34.94 0.65
CA ILE A 29 -15.73 35.66 1.42
C ILE A 29 -16.39 36.70 2.31
N ARG A 30 -17.44 37.35 1.80
CA ARG A 30 -18.22 38.31 2.59
C ARG A 30 -18.97 37.57 3.73
N MET A 31 -19.53 36.40 3.42
CA MET A 31 -20.21 35.57 4.44
C MET A 31 -19.24 35.21 5.56
N THR A 32 -18.04 34.77 5.17
CA THR A 32 -16.99 34.45 6.13
C THR A 32 -16.69 35.65 7.00
N HIS A 33 -16.45 36.79 6.37
CA HIS A 33 -16.15 38.01 7.12
C HIS A 33 -17.29 38.40 8.06
N ASN A 34 -18.52 38.37 7.56
CA ASN A 34 -19.64 38.80 8.37
C ASN A 34 -19.81 37.90 9.57
N LEU A 35 -19.64 36.61 9.37
CA LEU A 35 -19.71 35.66 10.44
C LEU A 35 -18.64 35.88 11.52
N LEU A 36 -17.38 36.03 11.11
CA LEU A 36 -16.33 36.19 12.13
C LEU A 36 -16.44 37.53 12.87
N LEU A 37 -16.96 38.56 12.21
CA LEU A 37 -17.20 39.86 12.87
C LEU A 37 -18.26 39.71 13.96
N ASN A 38 -19.30 38.91 13.65
CA ASN A 38 -20.36 38.67 14.61
C ASN A 38 -19.97 37.79 15.80
N TYR A 39 -18.94 36.96 15.64
CA TYR A 39 -18.33 36.28 16.78
C TYR A 39 -17.38 37.20 17.58
N GLY A 40 -17.22 38.44 17.14
CA GLY A 40 -16.37 39.45 17.83
C GLY A 40 -14.86 39.30 17.59
N LEU A 41 -14.46 38.50 16.62
CA LEU A 41 -13.04 38.23 16.37
C LEU A 41 -12.21 39.44 15.88
N TYR A 42 -12.89 40.47 15.38
CA TYR A 42 -12.24 41.73 15.03
C TYR A 42 -11.51 42.36 16.20
N ARG A 43 -11.94 42.01 17.41
CA ARG A 43 -11.39 42.57 18.63
C ARG A 43 -9.95 42.10 18.87
N LYS A 44 -9.60 40.96 18.28
CA LYS A 44 -8.33 40.28 18.58
C LYS A 44 -7.30 40.40 17.47
N MET A 45 -7.68 40.98 16.34
CA MET A 45 -6.76 41.05 15.20
C MET A 45 -6.83 42.37 14.48
N GLU A 46 -5.80 42.66 13.70
CA GLU A 46 -5.78 43.89 12.89
C GLU A 46 -6.41 43.59 11.57
N ILE A 47 -7.39 44.40 11.17
CA ILE A 47 -8.08 44.14 9.91
C ILE A 47 -7.60 45.19 8.89
N TYR A 48 -7.05 44.73 7.77
CA TYR A 48 -6.57 45.59 6.69
C TYR A 48 -7.37 45.40 5.42
N ARG A 49 -7.51 46.48 4.67
CA ARG A 49 -8.04 46.41 3.32
C ARG A 49 -6.83 46.40 2.37
N PRO A 50 -6.70 45.33 1.56
CA PRO A 50 -5.51 45.25 0.70
C PRO A 50 -5.57 46.23 -0.48
N HIS A 51 -4.41 46.58 -1.03
CA HIS A 51 -4.37 47.42 -2.20
C HIS A 51 -4.77 46.56 -3.38
N LYS A 52 -5.12 47.19 -4.50
CA LYS A 52 -5.24 46.48 -5.75
C LYS A 52 -3.86 46.25 -6.37
N ALA A 53 -3.41 44.98 -6.40
CA ALA A 53 -2.11 44.62 -6.97
C ALA A 53 -2.02 45.10 -8.43
N THR A 54 -0.87 45.64 -8.82
CA THR A 54 -0.71 46.20 -10.15
C THR A 54 -0.18 45.14 -11.11
N ALA A 55 -0.24 45.43 -12.41
CA ALA A 55 0.44 44.60 -13.43
C ALA A 55 1.94 44.39 -13.18
N GLU A 56 2.63 45.39 -12.64
CA GLU A 56 4.03 45.23 -12.26
C GLU A 56 4.12 44.08 -11.26
N GLU A 57 3.27 44.13 -10.23
CA GLU A 57 3.26 43.12 -9.20
C GLU A 57 3.01 41.74 -9.81
N MET A 58 1.98 41.65 -10.64
CA MET A 58 1.58 40.36 -11.22
C MET A 58 2.61 39.78 -12.18
N THR A 59 3.27 40.63 -12.97
CA THR A 59 4.30 40.17 -13.89
C THR A 59 5.62 39.78 -13.22
N LYS A 60 5.66 39.79 -11.89
CA LYS A 60 6.79 39.16 -11.18
C LYS A 60 6.75 37.63 -11.41
N TYR A 61 5.58 37.12 -11.80
CA TYR A 61 5.48 35.71 -12.22
C TYR A 61 4.80 35.54 -13.58
N HIS A 62 3.66 36.18 -13.78
CA HIS A 62 2.93 36.02 -15.02
C HIS A 62 3.55 36.78 -16.21
N SER A 63 3.30 36.28 -17.42
CA SER A 63 3.83 36.90 -18.64
C SER A 63 3.17 38.26 -18.89
N ASP A 64 3.92 39.20 -19.44
CA ASP A 64 3.35 40.50 -19.81
C ASP A 64 2.11 40.33 -20.69
N GLU A 65 2.12 39.39 -21.62
CA GLU A 65 1.03 39.19 -22.59
C GLU A 65 -0.25 38.70 -21.90
N TYR A 66 -0.10 37.75 -20.99
CA TYR A 66 -1.23 37.21 -20.22
C TYR A 66 -1.86 38.30 -19.37
N ILE A 67 -1.04 39.06 -18.66
CA ILE A 67 -1.57 40.16 -17.84
C ILE A 67 -2.22 41.27 -18.68
N LYS A 68 -1.57 41.68 -19.78
CA LYS A 68 -2.21 42.67 -20.67
C LYS A 68 -3.59 42.17 -21.13
N PHE A 69 -3.69 40.90 -21.48
CA PHE A 69 -4.97 40.31 -21.84
C PHE A 69 -5.99 40.41 -20.72
N LEU A 70 -5.62 40.01 -19.50
CA LEU A 70 -6.56 40.08 -18.39
C LEU A 70 -7.02 41.52 -18.11
N ARG A 71 -6.13 42.50 -18.29
CA ARG A 71 -6.48 43.93 -18.13
C ARG A 71 -7.41 44.43 -19.22
N SER A 72 -7.43 43.77 -20.36
CA SER A 72 -8.17 44.25 -21.54
C SER A 72 -9.51 43.57 -21.77
N ILE A 73 -9.59 42.29 -21.45
CA ILE A 73 -10.78 41.47 -21.78
C ILE A 73 -12.02 41.87 -20.97
N ARG A 74 -13.14 42.07 -21.67
CA ARG A 74 -14.42 42.44 -21.05
C ARG A 74 -15.55 41.68 -21.75
N PRO A 75 -16.70 41.49 -21.09
CA PRO A 75 -17.82 40.80 -21.77
C PRO A 75 -18.26 41.48 -23.08
N ASP A 76 -18.11 42.80 -23.13
CA ASP A 76 -18.48 43.58 -24.31
C ASP A 76 -17.49 43.51 -25.47
N ASN A 77 -16.26 43.05 -25.22
CA ASN A 77 -15.27 42.88 -26.30
C ASN A 77 -14.76 41.44 -26.53
N MET A 78 -15.43 40.47 -25.92
CA MET A 78 -15.05 39.05 -26.04
C MET A 78 -14.96 38.56 -27.47
N SER A 79 -15.94 38.96 -28.29
CA SER A 79 -16.01 38.54 -29.69
C SER A 79 -14.77 38.89 -30.51
N GLU A 80 -14.01 39.87 -30.06
CA GLU A 80 -12.80 40.32 -30.76
C GLU A 80 -11.55 39.57 -30.32
N TYR A 81 -11.60 38.97 -29.12
CA TYR A 81 -10.44 38.32 -28.52
C TYR A 81 -10.52 36.80 -28.51
N SER A 82 -11.37 36.24 -29.37
CA SER A 82 -11.67 34.80 -29.38
C SER A 82 -10.43 33.88 -29.39
N LYS A 83 -9.39 34.28 -30.12
CA LYS A 83 -8.16 33.51 -30.20
C LYS A 83 -7.41 33.57 -28.88
N GLN A 84 -7.23 34.79 -28.39
CA GLN A 84 -6.49 35.06 -27.16
C GLN A 84 -7.18 34.36 -25.98
N MET A 85 -8.51 34.35 -26.00
CA MET A 85 -9.28 33.67 -24.97
C MET A 85 -8.94 32.18 -24.90
N GLN A 86 -8.84 31.54 -26.07
CA GLN A 86 -8.46 30.14 -26.14
C GLN A 86 -7.03 29.90 -25.70
N ARG A 87 -6.12 30.74 -26.17
CA ARG A 87 -4.70 30.65 -25.77
C ARG A 87 -4.47 30.71 -24.25
N PHE A 88 -5.21 31.59 -23.57
CA PHE A 88 -5.05 31.83 -22.13
C PHE A 88 -6.09 31.09 -21.27
N ASN A 89 -6.88 30.22 -21.91
CA ASN A 89 -7.84 29.36 -21.22
C ASN A 89 -8.92 30.13 -20.45
N VAL A 90 -9.47 31.14 -21.09
CA VAL A 90 -10.50 31.96 -20.50
C VAL A 90 -11.77 31.84 -21.36
N GLY A 91 -12.92 31.78 -20.70
CA GLY A 91 -14.21 31.77 -21.38
C GLY A 91 -15.05 30.52 -21.17
N GLU A 92 -14.63 29.65 -20.26
CA GLU A 92 -15.40 28.45 -19.94
C GLU A 92 -15.43 28.27 -18.40
N ASP A 93 -14.59 27.37 -17.87
CA ASP A 93 -14.38 27.24 -16.41
C ASP A 93 -13.99 28.60 -15.80
N CYS A 94 -13.24 29.38 -16.59
CA CYS A 94 -12.67 30.65 -16.19
C CYS A 94 -13.27 31.75 -17.07
N PRO A 95 -14.50 32.17 -16.76
CA PRO A 95 -15.20 33.05 -17.69
C PRO A 95 -14.72 34.50 -17.61
N VAL A 96 -15.17 35.27 -18.59
CA VAL A 96 -15.01 36.70 -18.59
C VAL A 96 -16.24 37.25 -17.88
N PHE A 97 -16.01 37.99 -16.81
CA PHE A 97 -17.08 38.68 -16.13
C PHE A 97 -16.69 40.14 -15.88
N ASP A 98 -17.68 40.96 -15.57
CA ASP A 98 -17.48 42.36 -15.24
C ASP A 98 -16.55 42.49 -14.03
N GLY A 99 -15.49 43.28 -14.18
CA GLY A 99 -14.56 43.53 -13.07
C GLY A 99 -13.60 42.39 -12.82
N LEU A 100 -13.51 41.45 -13.76
CA LEU A 100 -12.55 40.34 -13.66
C LEU A 100 -11.16 40.81 -13.18
N PHE A 101 -10.56 41.79 -13.86
CA PHE A 101 -9.20 42.21 -13.47
C PHE A 101 -9.13 42.79 -12.05
N GLU A 102 -10.09 43.62 -11.67
CA GLU A 102 -10.17 44.15 -10.30
C GLU A 102 -10.31 43.04 -9.27
N PHE A 103 -11.11 42.02 -9.57
CA PHE A 103 -11.22 40.82 -8.73
C PHE A 103 -9.84 40.15 -8.57
N CYS A 104 -9.08 40.00 -9.66
CA CYS A 104 -7.70 39.46 -9.55
C CYS A 104 -6.81 40.37 -8.70
N GLN A 105 -6.95 41.67 -8.90
CA GLN A 105 -6.17 42.64 -8.11
C GLN A 105 -6.46 42.56 -6.62
N LEU A 106 -7.73 42.42 -6.24
CA LEU A 106 -8.12 42.34 -4.82
C LEU A 106 -7.63 41.07 -4.15
N SER A 107 -7.86 39.93 -4.79
CA SER A 107 -7.42 38.67 -4.18
C SER A 107 -5.90 38.56 -4.11
N THR A 108 -5.21 39.04 -5.15
CA THR A 108 -3.74 39.08 -5.14
C THR A 108 -3.20 40.05 -4.09
N GLY A 109 -3.75 41.27 -4.04
CA GLY A 109 -3.29 42.33 -3.10
C GLY A 109 -3.20 41.88 -1.65
N GLY A 110 -4.17 41.08 -1.21
CA GLY A 110 -4.15 40.51 0.15
C GLY A 110 -3.01 39.56 0.47
N SER A 111 -2.66 38.70 -0.48
CA SER A 111 -1.56 37.75 -0.30
C SER A 111 -0.20 38.44 -0.30
N VAL A 112 0.00 39.31 -1.27
CA VAL A 112 1.25 40.06 -1.37
C VAL A 112 1.39 41.02 -0.16
N ALA A 113 0.32 41.70 0.22
CA ALA A 113 0.36 42.58 1.40
C ALA A 113 0.69 41.80 2.68
N GLY A 114 0.07 40.62 2.85
CA GLY A 114 0.36 39.77 3.98
C GLY A 114 1.81 39.30 4.01
N ALA A 115 2.34 38.92 2.85
CA ALA A 115 3.77 38.55 2.74
C ALA A 115 4.74 39.67 3.14
N VAL A 116 4.44 40.91 2.74
CA VAL A 116 5.25 42.07 3.12
C VAL A 116 5.19 42.28 4.62
N LYS A 117 4.00 42.17 5.17
CA LYS A 117 3.80 42.35 6.60
C LYS A 117 4.63 41.33 7.41
N LEU A 118 4.67 40.09 6.94
CA LEU A 118 5.46 39.02 7.54
C LEU A 118 6.97 39.30 7.38
N ASN A 119 7.38 39.67 6.19
CA ASN A 119 8.79 40.03 5.91
C ASN A 119 9.33 41.13 6.83
N ARG A 120 8.50 42.14 7.08
CA ARG A 120 8.85 43.24 7.96
C ARG A 120 8.76 42.87 9.44
N GLN A 121 8.38 41.62 9.73
CA GLN A 121 8.23 41.13 11.10
C GLN A 121 7.21 41.95 11.90
N GLN A 122 6.15 42.38 11.24
CA GLN A 122 5.16 43.19 11.92
C GLN A 122 3.90 42.39 12.29
N THR A 123 3.88 41.10 11.96
CA THR A 123 2.81 40.19 12.39
C THR A 123 3.42 38.80 12.46
N ASP A 124 2.77 37.88 13.17
CA ASP A 124 3.19 36.48 13.17
C ASP A 124 2.47 35.68 12.08
N MET A 125 1.23 36.09 11.85
CA MET A 125 0.35 35.45 10.87
C MET A 125 -0.38 36.50 10.04
N ALA A 126 -0.53 36.22 8.74
CA ALA A 126 -1.34 37.04 7.87
C ALA A 126 -2.40 36.13 7.24
N VAL A 127 -3.61 36.64 7.14
CA VAL A 127 -4.71 35.86 6.62
C VAL A 127 -5.33 36.58 5.42
N ASN A 128 -5.41 35.85 4.31
CA ASN A 128 -6.16 36.34 3.13
C ASN A 128 -7.12 35.26 2.59
N TRP A 129 -8.38 35.26 3.04
CA TRP A 129 -9.27 34.22 2.61
C TRP A 129 -9.69 34.33 1.15
N ALA A 130 -9.53 35.50 0.54
CA ALA A 130 -9.83 35.69 -0.86
C ALA A 130 -8.76 35.12 -1.76
N GLY A 131 -7.61 34.75 -1.19
CA GLY A 131 -6.52 34.23 -2.00
C GLY A 131 -6.49 32.72 -2.07
N GLY A 132 -5.32 32.17 -2.40
CA GLY A 132 -5.13 30.75 -2.54
C GLY A 132 -5.53 30.20 -3.91
N LEU A 133 -5.37 31.01 -4.94
CA LEU A 133 -5.71 30.62 -6.31
C LEU A 133 -4.62 29.74 -6.96
N HIS A 134 -4.53 28.50 -6.48
CA HIS A 134 -3.35 27.67 -6.75
C HIS A 134 -3.19 27.11 -8.14
N HIS A 135 -4.22 27.21 -8.99
CA HIS A 135 -4.19 26.58 -10.33
C HIS A 135 -3.65 27.49 -11.42
N ALA A 136 -3.69 28.80 -11.21
CA ALA A 136 -3.20 29.77 -12.21
C ALA A 136 -1.74 29.53 -12.59
N LYS A 137 -1.49 29.59 -13.90
CA LYS A 137 -0.18 29.32 -14.48
C LYS A 137 0.43 30.59 -15.04
N LYS A 138 1.71 30.51 -15.40
CA LYS A 138 2.42 31.71 -15.83
C LYS A 138 1.65 32.45 -16.90
N SER A 139 1.09 31.72 -17.86
CA SER A 139 0.41 32.35 -19.00
C SER A 139 -0.95 31.76 -19.28
N GLU A 140 -1.65 31.34 -18.23
CA GLU A 140 -2.88 30.63 -18.45
C GLU A 140 -3.78 30.62 -17.23
N ALA A 141 -5.08 30.86 -17.43
CA ALA A 141 -6.04 30.70 -16.36
C ALA A 141 -6.29 29.20 -16.22
N SER A 142 -6.75 28.77 -15.06
CA SER A 142 -7.14 27.38 -14.87
C SER A 142 -8.02 27.19 -13.64
N GLY A 143 -9.00 26.29 -13.74
CA GLY A 143 -9.82 25.88 -12.58
C GLY A 143 -10.36 27.04 -11.76
N PHE A 144 -10.97 28.01 -12.44
CA PHE A 144 -11.56 29.22 -11.83
C PHE A 144 -10.53 30.30 -11.38
N CYS A 145 -9.23 30.02 -11.52
CA CYS A 145 -8.16 30.91 -11.02
C CYS A 145 -7.53 31.64 -12.19
N TYR A 146 -7.22 32.93 -12.05
CA TYR A 146 -6.60 33.69 -13.15
C TYR A 146 -5.20 34.14 -12.81
N VAL A 147 -5.01 34.64 -11.60
CA VAL A 147 -3.72 35.17 -11.18
C VAL A 147 -3.31 34.38 -9.95
N ASN A 148 -2.06 33.87 -9.93
CA ASN A 148 -1.62 33.04 -8.83
C ASN A 148 -1.03 33.87 -7.71
N ASP A 149 -1.92 34.29 -6.80
CA ASP A 149 -1.56 35.15 -5.69
C ASP A 149 -0.54 34.43 -4.80
N ILE A 150 -0.62 33.09 -4.76
CA ILE A 150 0.26 32.32 -3.89
C ILE A 150 1.72 32.38 -4.38
N VAL A 151 1.95 32.19 -5.67
CA VAL A 151 3.32 32.24 -6.22
C VAL A 151 3.87 33.65 -6.03
N LEU A 152 3.03 34.65 -6.23
CA LEU A 152 3.40 36.04 -6.02
C LEU A 152 3.77 36.32 -4.56
N ALA A 153 2.96 35.81 -3.59
CA ALA A 153 3.29 35.97 -2.18
C ALA A 153 4.59 35.25 -1.79
N ILE A 154 4.81 34.07 -2.34
CA ILE A 154 6.03 33.31 -2.06
C ILE A 154 7.28 34.03 -2.62
N LEU A 155 7.17 34.56 -3.84
CA LEU A 155 8.25 35.35 -4.42
C LEU A 155 8.59 36.52 -3.50
N GLU A 156 7.57 37.14 -2.90
CA GLU A 156 7.78 38.21 -1.93
C GLU A 156 8.53 37.69 -0.70
N LEU A 157 8.12 36.54 -0.17
CA LEU A 157 8.75 36.00 1.03
C LEU A 157 10.21 35.63 0.76
N LEU A 158 10.49 35.16 -0.44
CA LEU A 158 11.86 34.74 -0.80
C LEU A 158 12.87 35.89 -0.82
N LYS A 159 12.37 37.12 -0.76
CA LYS A 159 13.23 38.30 -0.67
C LYS A 159 13.98 38.26 0.66
N TYR A 160 13.34 37.66 1.67
CA TYR A 160 13.91 37.66 3.03
C TYR A 160 14.10 36.29 3.67
N HIS A 161 13.60 35.25 3.02
CA HIS A 161 13.63 33.89 3.54
C HIS A 161 14.31 32.96 2.56
N GLN A 162 15.32 32.25 3.02
CA GLN A 162 16.07 31.37 2.13
C GLN A 162 15.23 30.19 1.65
N ARG A 163 14.43 29.63 2.57
CA ARG A 163 13.55 28.49 2.36
C ARG A 163 12.10 28.77 2.78
N VAL A 164 11.15 28.60 1.86
CA VAL A 164 9.73 28.84 2.14
C VAL A 164 8.97 27.54 1.97
N LEU A 165 8.17 27.15 2.94
CA LEU A 165 7.38 25.92 2.81
C LEU A 165 5.92 26.22 2.45
N TYR A 166 5.42 25.55 1.41
CA TYR A 166 4.03 25.68 0.98
C TYR A 166 3.28 24.38 1.26
N ILE A 167 2.12 24.50 1.90
CA ILE A 167 1.29 23.34 2.26
C ILE A 167 -0.14 23.65 1.76
N ASP A 168 -0.79 22.65 1.16
CA ASP A 168 -2.01 22.88 0.40
C ASP A 168 -3.04 21.79 0.80
N ILE A 169 -4.12 22.16 1.49
CA ILE A 169 -5.12 21.15 1.93
C ILE A 169 -6.45 21.23 1.20
N ASP A 170 -6.44 22.02 0.13
CA ASP A 170 -7.49 22.05 -0.89
C ASP A 170 -7.68 20.62 -1.40
N ILE A 171 -8.91 20.23 -1.78
CA ILE A 171 -9.08 18.87 -2.30
C ILE A 171 -8.32 18.67 -3.62
N HIS A 172 -8.00 19.76 -4.33
CA HIS A 172 -7.32 19.65 -5.60
C HIS A 172 -5.82 19.84 -5.42
N HIS A 173 -5.05 19.15 -6.26
CA HIS A 173 -3.60 19.37 -6.33
C HIS A 173 -3.27 20.84 -6.63
N GLY A 174 -2.29 21.38 -5.90
CA GLY A 174 -1.79 22.73 -6.13
C GLY A 174 -0.77 22.79 -7.27
N ASP A 175 -1.27 22.59 -8.49
CA ASP A 175 -0.41 22.40 -9.65
C ASP A 175 0.32 23.66 -10.07
N GLY A 176 -0.35 24.80 -10.02
CA GLY A 176 0.29 26.08 -10.39
C GLY A 176 1.47 26.44 -9.51
N VAL A 177 1.31 26.24 -8.22
CA VAL A 177 2.38 26.53 -7.25
C VAL A 177 3.53 25.52 -7.41
N GLU A 178 3.21 24.24 -7.41
CA GLU A 178 4.21 23.22 -7.68
C GLU A 178 4.99 23.49 -8.97
N GLU A 179 4.27 23.81 -10.04
CA GLU A 179 4.87 24.11 -11.33
C GLU A 179 5.91 25.27 -11.28
N ALA A 180 5.52 26.37 -10.66
CA ALA A 180 6.37 27.56 -10.53
C ALA A 180 7.69 27.26 -9.81
N PHE A 181 7.63 26.39 -8.80
CA PHE A 181 8.80 26.11 -7.96
C PHE A 181 9.37 24.70 -8.08
N TYR A 182 8.98 24.02 -9.15
CA TYR A 182 9.33 22.61 -9.34
C TYR A 182 10.82 22.38 -9.41
N THR A 183 11.58 23.39 -9.87
CA THR A 183 13.01 23.21 -10.07
C THR A 183 13.88 23.98 -9.10
N THR A 184 13.31 24.42 -7.98
CA THR A 184 14.09 25.09 -6.97
C THR A 184 13.94 24.42 -5.61
N ASP A 185 15.02 24.46 -4.83
CA ASP A 185 14.99 24.01 -3.45
C ASP A 185 14.67 25.13 -2.46
N ARG A 186 14.40 26.34 -2.96
CA ARG A 186 14.05 27.46 -2.06
C ARG A 186 12.56 27.42 -1.66
N VAL A 187 11.78 26.60 -2.35
CA VAL A 187 10.37 26.39 -2.00
C VAL A 187 10.08 24.91 -2.09
N MET A 188 9.64 24.35 -0.98
CA MET A 188 9.19 22.98 -0.97
C MET A 188 7.67 23.09 -0.99
N THR A 189 7.05 22.32 -1.87
CA THR A 189 5.57 22.36 -1.98
C THR A 189 5.04 21.01 -1.50
N VAL A 190 3.99 21.03 -0.67
CA VAL A 190 3.44 19.81 -0.11
C VAL A 190 1.90 19.83 -0.33
N SER A 191 1.39 18.94 -1.17
CA SER A 191 -0.03 18.93 -1.45
C SER A 191 -0.65 17.59 -1.11
N PHE A 192 -1.81 17.65 -0.47
CA PHE A 192 -2.63 16.49 -0.13
C PHE A 192 -3.89 16.74 -0.95
N HIS A 193 -4.31 15.77 -1.76
CA HIS A 193 -5.40 15.98 -2.73
C HIS A 193 -6.00 14.67 -3.19
N LYS A 194 -7.22 14.74 -3.71
CA LYS A 194 -7.82 13.60 -4.38
C LYS A 194 -7.09 13.42 -5.70
N TYR A 195 -6.83 12.17 -6.05
CA TYR A 195 -6.07 11.85 -7.23
C TYR A 195 -6.69 10.64 -7.91
N GLY A 196 -6.84 10.73 -9.22
CA GLY A 196 -7.41 9.63 -10.04
C GLY A 196 -8.63 10.15 -10.79
N GLU A 197 -8.47 10.39 -12.08
CA GLU A 197 -9.54 10.98 -12.93
C GLU A 197 -10.22 12.14 -12.21
N TYR A 198 -9.42 13.15 -11.86
CA TYR A 198 -9.92 14.27 -11.06
C TYR A 198 -9.12 15.50 -11.40
N PHE A 199 -9.76 16.67 -11.40
CA PHE A 199 -9.06 17.89 -11.74
C PHE A 199 -7.91 18.15 -10.74
N PRO A 200 -6.74 18.63 -11.20
CA PRO A 200 -6.31 18.91 -12.56
C PRO A 200 -5.64 17.72 -13.27
N GLY A 201 -5.54 16.58 -12.61
CA GLY A 201 -4.94 15.38 -13.23
C GLY A 201 -3.47 15.19 -12.84
N THR A 202 -2.93 16.14 -12.07
CA THR A 202 -1.54 16.06 -11.61
C THR A 202 -1.43 15.70 -10.12
N GLY A 203 -0.19 15.69 -9.59
CA GLY A 203 0.07 15.34 -8.20
C GLY A 203 0.20 13.86 -7.85
N ASP A 204 0.76 13.07 -8.76
CA ASP A 204 1.09 11.67 -8.49
C ASP A 204 2.17 11.69 -7.41
N LEU A 205 2.20 10.69 -6.52
CA LEU A 205 3.23 10.78 -5.48
C LEU A 205 4.64 10.63 -6.05
N ARG A 206 4.76 10.11 -7.29
CA ARG A 206 6.05 10.00 -7.98
C ARG A 206 6.51 11.35 -8.59
N ASP A 207 5.68 12.39 -8.49
CA ASP A 207 6.11 13.72 -8.92
C ASP A 207 6.80 14.39 -7.73
N ILE A 208 8.13 14.46 -7.80
CA ILE A 208 8.96 14.83 -6.65
C ILE A 208 9.85 16.07 -6.86
N GLY A 209 9.75 16.69 -8.02
CA GLY A 209 10.53 17.87 -8.32
C GLY A 209 11.61 17.49 -9.31
N ALA A 210 12.34 18.48 -9.83
CA ALA A 210 13.37 18.25 -10.85
C ALA A 210 14.56 19.20 -10.65
N GLY A 211 15.72 18.78 -11.15
CA GLY A 211 16.96 19.55 -11.00
C GLY A 211 17.22 19.80 -9.53
N LYS A 212 17.56 21.04 -9.20
CA LYS A 212 17.76 21.49 -7.80
C LYS A 212 16.52 21.26 -6.93
N GLY A 213 15.34 21.24 -7.53
CA GLY A 213 14.10 21.02 -6.75
C GLY A 213 13.68 19.57 -6.60
N LYS A 214 14.50 18.65 -7.09
CA LYS A 214 14.20 17.21 -6.93
C LYS A 214 14.17 16.86 -5.45
N TYR A 215 13.07 16.24 -5.02
CA TYR A 215 12.77 15.93 -3.61
C TYR A 215 12.16 17.09 -2.82
N TYR A 216 11.99 18.24 -3.47
CA TYR A 216 11.33 19.40 -2.85
C TYR A 216 9.85 19.61 -3.30
N ALA A 217 9.27 18.61 -3.95
CA ALA A 217 7.84 18.57 -4.23
C ALA A 217 7.37 17.28 -3.62
N VAL A 218 6.31 17.36 -2.81
CA VAL A 218 5.78 16.23 -2.05
C VAL A 218 4.29 16.18 -2.37
N ASN A 219 3.80 15.03 -2.82
CA ASN A 219 2.39 14.91 -3.17
C ASN A 219 1.76 13.73 -2.46
N PHE A 220 0.63 13.92 -1.79
CA PHE A 220 -0.04 12.80 -1.13
C PHE A 220 -1.40 12.52 -1.84
N PRO A 221 -1.42 11.59 -2.81
CA PRO A 221 -2.68 11.33 -3.55
C PRO A 221 -3.66 10.54 -2.68
N MET A 222 -4.92 10.92 -2.69
CA MET A 222 -5.95 10.30 -1.85
C MET A 222 -7.17 9.91 -2.66
N ARG A 223 -7.99 9.03 -2.11
CA ARG A 223 -9.23 8.61 -2.76
C ARG A 223 -10.43 9.33 -2.13
N ASP A 224 -11.61 9.14 -2.73
CA ASP A 224 -12.87 9.65 -2.19
C ASP A 224 -13.02 9.32 -0.73
N GLY A 225 -13.68 10.23 -0.01
CA GLY A 225 -14.28 9.89 1.30
C GLY A 225 -13.37 9.95 2.49
N ILE A 226 -12.17 10.52 2.31
CA ILE A 226 -11.27 10.62 3.45
C ILE A 226 -11.93 11.36 4.61
N ASP A 227 -11.65 10.89 5.83
CA ASP A 227 -12.30 11.43 7.03
C ASP A 227 -11.29 12.07 7.99
N ASP A 228 -11.79 12.68 9.07
CA ASP A 228 -10.92 13.40 10.02
C ASP A 228 -9.81 12.49 10.54
N GLU A 229 -10.17 11.25 10.89
CA GLU A 229 -9.19 10.31 11.43
C GLU A 229 -8.10 9.86 10.46
N SER A 230 -8.47 9.54 9.23
CA SER A 230 -7.50 9.16 8.21
C SER A 230 -6.54 10.33 7.94
N TYR A 231 -7.10 11.54 7.86
CA TYR A 231 -6.30 12.69 7.49
C TYR A 231 -5.35 13.05 8.63
N GLY A 232 -5.90 13.01 9.84
CA GLY A 232 -5.13 13.33 11.04
C GLY A 232 -3.98 12.35 11.31
N GLN A 233 -4.16 11.09 10.88
CA GLN A 233 -3.14 10.05 11.04
C GLN A 233 -1.88 10.38 10.20
N ILE A 234 -2.06 11.19 9.16
CA ILE A 234 -1.03 11.43 8.16
C ILE A 234 -0.48 12.86 8.14
N PHE A 235 -1.32 13.82 8.45
CA PHE A 235 -0.95 15.21 8.26
C PHE A 235 0.17 15.65 9.20
N LYS A 236 -0.03 15.48 10.51
CA LYS A 236 1.00 15.84 11.48
C LYS A 236 2.36 15.11 11.29
N PRO A 237 2.37 13.76 11.15
CA PRO A 237 3.67 13.11 10.87
C PRO A 237 4.40 13.63 9.63
N ILE A 238 3.67 13.85 8.53
CA ILE A 238 4.28 14.37 7.30
C ILE A 238 4.81 15.80 7.50
N ILE A 239 3.99 16.65 8.09
CA ILE A 239 4.43 18.02 8.28
C ILE A 239 5.60 18.08 9.28
N SER A 240 5.56 17.28 10.34
CA SER A 240 6.67 17.27 11.30
C SER A 240 7.98 16.87 10.63
N LYS A 241 7.91 15.85 9.78
CA LYS A 241 9.12 15.36 9.12
C LYS A 241 9.66 16.39 8.13
N VAL A 242 8.73 16.99 7.39
CA VAL A 242 9.04 18.07 6.46
C VAL A 242 9.75 19.22 7.20
N MET A 243 9.17 19.64 8.34
CA MET A 243 9.73 20.71 9.15
C MET A 243 11.18 20.39 9.60
N GLU A 244 11.38 19.14 9.98
CA GLU A 244 12.67 18.64 10.51
C GLU A 244 13.77 18.65 9.46
N MET A 245 13.41 18.17 8.27
CA MET A 245 14.33 18.00 7.17
C MET A 245 14.58 19.30 6.40
N TYR A 246 13.50 20.04 6.16
CA TYR A 246 13.53 21.24 5.32
C TYR A 246 13.89 22.51 6.09
N GLN A 247 13.50 22.61 7.35
CA GLN A 247 13.81 23.82 8.13
C GLN A 247 13.50 25.14 7.41
N PRO A 248 12.22 25.33 7.03
CA PRO A 248 11.85 26.57 6.37
C PRO A 248 11.88 27.72 7.35
N SER A 249 11.99 28.94 6.86
CA SER A 249 11.84 30.07 7.77
C SER A 249 10.50 30.80 7.63
N ALA A 250 9.73 30.42 6.62
CA ALA A 250 8.36 30.94 6.46
C ALA A 250 7.50 29.86 5.86
N VAL A 251 6.20 29.94 6.10
CA VAL A 251 5.24 28.92 5.67
C VAL A 251 4.00 29.59 5.06
N VAL A 252 3.55 29.04 3.93
CA VAL A 252 2.30 29.46 3.31
C VAL A 252 1.37 28.25 3.35
N LEU A 253 0.20 28.43 3.96
CA LEU A 253 -0.80 27.37 4.08
C LEU A 253 -2.04 27.73 3.28
N GLN A 254 -2.33 26.95 2.23
CA GLN A 254 -3.58 27.12 1.46
C GLN A 254 -4.64 26.23 2.15
N CYS A 255 -5.73 26.86 2.58
CA CYS A 255 -6.79 26.18 3.33
C CYS A 255 -8.06 26.01 2.51
N GLY A 256 -7.90 25.60 1.24
CA GLY A 256 -9.04 25.41 0.34
C GLY A 256 -10.08 24.54 1.03
N ALA A 257 -11.32 25.01 1.08
CA ALA A 257 -12.40 24.35 1.85
C ALA A 257 -13.24 23.34 1.04
N ASP A 258 -12.79 23.01 -0.16
CA ASP A 258 -13.50 22.01 -0.96
C ASP A 258 -13.17 20.57 -0.56
N SER A 259 -12.29 20.44 0.43
CA SER A 259 -11.99 19.16 1.07
C SER A 259 -12.97 18.84 2.23
N LEU A 260 -13.99 19.68 2.45
CA LEU A 260 -14.93 19.44 3.55
C LEU A 260 -16.05 18.52 3.09
N SER A 261 -16.55 17.75 4.03
CA SER A 261 -17.77 16.98 3.85
C SER A 261 -18.86 17.85 3.23
N GLY A 262 -19.54 17.30 2.22
CA GLY A 262 -20.72 17.95 1.61
C GLY A 262 -20.39 19.03 0.61
N ASP A 263 -19.12 19.15 0.22
CA ASP A 263 -18.79 20.17 -0.76
C ASP A 263 -19.49 19.81 -2.06
N ARG A 264 -19.98 20.84 -2.74
CA ARG A 264 -20.72 20.67 -3.98
C ARG A 264 -19.89 19.96 -5.07
N LEU A 265 -18.60 20.24 -5.11
CA LEU A 265 -17.72 19.67 -6.13
C LEU A 265 -16.79 18.60 -5.59
N GLY A 266 -16.38 18.73 -4.33
CA GLY A 266 -15.48 17.76 -3.71
C GLY A 266 -16.10 16.48 -3.19
N CYS A 267 -15.24 15.50 -2.90
CA CYS A 267 -15.68 14.18 -2.48
C CYS A 267 -14.95 13.68 -1.24
N PHE A 268 -14.44 14.61 -0.43
CA PHE A 268 -13.83 14.24 0.83
C PHE A 268 -14.93 14.29 1.91
N ASN A 269 -14.62 13.83 3.11
CA ASN A 269 -15.57 13.77 4.22
C ASN A 269 -14.98 14.39 5.49
N LEU A 270 -14.22 15.48 5.36
CA LEU A 270 -13.68 16.15 6.54
C LEU A 270 -14.67 17.09 7.24
N THR A 271 -14.57 17.19 8.55
CA THR A 271 -15.36 18.22 9.24
C THR A 271 -14.52 19.50 9.32
N VAL A 272 -15.12 20.59 9.81
CA VAL A 272 -14.40 21.81 10.04
C VAL A 272 -13.28 21.61 11.10
N LYS A 273 -13.57 20.80 12.12
CA LYS A 273 -12.57 20.49 13.12
C LYS A 273 -11.40 19.69 12.53
N GLY A 274 -11.70 18.72 11.68
CA GLY A 274 -10.61 17.98 11.02
C GLY A 274 -9.74 18.83 10.13
N HIS A 275 -10.38 19.75 9.40
CA HIS A 275 -9.70 20.65 8.47
C HIS A 275 -8.85 21.61 9.28
N ALA A 276 -9.45 22.21 10.30
CA ALA A 276 -8.77 23.14 11.19
C ALA A 276 -7.61 22.56 11.98
N LYS A 277 -7.67 21.26 12.28
CA LYS A 277 -6.55 20.57 12.92
C LYS A 277 -5.27 20.84 12.13
N CYS A 278 -5.38 20.95 10.81
CA CYS A 278 -4.19 21.19 9.97
C CYS A 278 -3.57 22.54 10.29
N VAL A 279 -4.42 23.52 10.53
CA VAL A 279 -3.98 24.89 10.89
C VAL A 279 -3.30 24.87 12.27
N GLU A 280 -3.93 24.20 13.23
CA GLU A 280 -3.33 24.00 14.56
C GLU A 280 -1.93 23.40 14.47
N VAL A 281 -1.79 22.33 13.68
CA VAL A 281 -0.50 21.65 13.52
C VAL A 281 0.57 22.60 13.00
N VAL A 282 0.28 23.27 11.91
CA VAL A 282 1.23 24.20 11.28
C VAL A 282 1.62 25.34 12.22
N LYS A 283 0.62 25.93 12.86
CA LYS A 283 0.79 26.91 13.93
C LYS A 283 1.81 26.57 15.02
N THR A 284 1.84 25.32 15.45
CA THR A 284 2.72 24.96 16.56
C THR A 284 4.20 25.12 16.23
N PHE A 285 4.55 25.19 14.95
CA PHE A 285 5.97 25.38 14.58
C PHE A 285 6.49 26.80 14.80
N ASN A 286 5.58 27.74 15.09
CA ASN A 286 5.96 29.10 15.47
C ASN A 286 6.86 29.76 14.42
N LEU A 287 6.46 29.60 13.16
CA LEU A 287 7.07 30.26 12.02
C LEU A 287 6.12 31.29 11.45
N PRO A 288 6.65 32.35 10.81
CA PRO A 288 5.86 33.32 10.05
C PRO A 288 4.93 32.56 9.11
N LEU A 289 3.63 32.85 9.18
CA LEU A 289 2.66 32.01 8.52
C LEU A 289 1.64 32.85 7.73
N LEU A 290 1.54 32.57 6.43
CA LEU A 290 0.53 33.18 5.57
C LEU A 290 -0.55 32.13 5.33
N MET A 291 -1.76 32.41 5.76
CA MET A 291 -2.86 31.47 5.59
C MET A 291 -3.82 32.04 4.48
N LEU A 292 -4.08 31.22 3.49
CA LEU A 292 -4.88 31.65 2.35
C LEU A 292 -6.14 30.78 2.19
N GLY A 293 -7.12 31.27 1.44
CA GLY A 293 -8.33 30.49 1.15
C GLY A 293 -8.03 29.51 0.01
N GLY A 294 -9.01 29.34 -0.87
CA GLY A 294 -8.93 28.39 -1.98
C GLY A 294 -10.32 27.96 -2.41
N GLY A 295 -10.47 26.70 -2.83
CA GLY A 295 -11.78 26.24 -3.31
C GLY A 295 -12.78 26.16 -2.16
N GLY A 296 -14.00 25.73 -2.46
CA GLY A 296 -15.05 25.63 -1.48
C GLY A 296 -16.33 26.13 -2.14
N TYR A 297 -17.31 25.22 -2.26
CA TYR A 297 -18.47 25.42 -3.14
C TYR A 297 -19.82 25.17 -2.43
N THR A 298 -19.76 24.69 -1.19
CA THR A 298 -20.98 24.71 -0.33
C THR A 298 -20.72 25.88 0.61
N ILE A 299 -21.32 27.04 0.32
CA ILE A 299 -20.74 28.28 0.88
C ILE A 299 -20.97 28.51 2.36
N ARG A 300 -22.07 27.97 2.88
CA ARG A 300 -22.26 27.95 4.32
C ARG A 300 -21.10 27.24 5.04
N ASN A 301 -20.59 26.13 4.49
CA ASN A 301 -19.53 25.42 5.19
C ASN A 301 -18.18 26.10 5.04
N VAL A 302 -17.98 26.75 3.89
CA VAL A 302 -16.78 27.58 3.66
C VAL A 302 -16.71 28.69 4.73
N ALA A 303 -17.84 29.37 4.96
CA ALA A 303 -17.90 30.42 5.96
C ALA A 303 -17.58 29.92 7.38
N ARG A 304 -18.13 28.78 7.75
CA ARG A 304 -17.88 28.15 9.03
C ARG A 304 -16.39 27.80 9.13
N CYS A 305 -15.86 27.18 8.09
CA CYS A 305 -14.51 26.65 8.14
C CYS A 305 -13.51 27.77 8.36
N TRP A 306 -13.62 28.83 7.57
CA TRP A 306 -12.61 29.90 7.62
C TRP A 306 -12.82 30.80 8.82
N THR A 307 -14.07 30.90 9.31
CA THR A 307 -14.33 31.59 10.57
C THR A 307 -13.62 30.88 11.73
N TYR A 308 -13.85 29.57 11.81
CA TYR A 308 -13.24 28.72 12.86
C TYR A 308 -11.70 28.73 12.77
N GLU A 309 -11.17 28.70 11.56
CA GLU A 309 -9.71 28.73 11.35
C GLU A 309 -9.10 30.10 11.68
N THR A 310 -9.88 31.16 11.51
CA THR A 310 -9.48 32.47 12.02
C THR A 310 -9.44 32.42 13.57
N ALA A 311 -10.46 31.80 14.18
CA ALA A 311 -10.51 31.64 15.63
C ALA A 311 -9.33 30.80 16.13
N VAL A 312 -9.00 29.75 15.36
CA VAL A 312 -7.82 28.93 15.67
C VAL A 312 -6.49 29.75 15.63
N ALA A 313 -6.33 30.55 14.59
CA ALA A 313 -5.14 31.39 14.44
C ALA A 313 -4.97 32.34 15.63
N LEU A 314 -6.10 32.79 16.17
CA LEU A 314 -6.18 33.67 17.31
C LEU A 314 -6.15 32.97 18.66
N ASP A 315 -6.10 31.63 18.67
CA ASP A 315 -6.24 30.83 19.90
C ASP A 315 -7.45 31.30 20.68
N CYS A 316 -8.55 31.51 19.97
CA CYS A 316 -9.76 32.04 20.57
C CYS A 316 -10.91 31.05 20.41
N GLU A 317 -11.36 30.52 21.55
CA GLU A 317 -12.48 29.59 21.61
C GLU A 317 -13.77 30.33 21.29
N ILE A 318 -14.57 29.79 20.37
CA ILE A 318 -15.88 30.38 20.02
C ILE A 318 -16.99 29.35 20.17
N PRO A 319 -18.20 29.79 20.58
CA PRO A 319 -19.27 28.82 20.79
C PRO A 319 -19.74 28.19 19.48
N ASN A 320 -20.25 26.97 19.61
CA ASN A 320 -20.79 26.25 18.48
C ASN A 320 -22.09 26.92 18.01
N GLU A 321 -22.83 27.55 18.93
CA GLU A 321 -24.08 28.23 18.57
C GLU A 321 -23.75 29.50 17.76
N LEU A 322 -24.25 29.55 16.51
CA LEU A 322 -23.91 30.67 15.65
C LEU A 322 -24.54 31.99 16.11
N PRO A 323 -23.74 33.09 16.10
CA PRO A 323 -24.34 34.37 16.43
C PRO A 323 -25.19 34.80 15.25
N TYR A 324 -26.22 35.60 15.50
CA TYR A 324 -26.94 36.23 14.40
C TYR A 324 -25.95 36.96 13.45
N ASN A 325 -26.26 37.01 12.16
CA ASN A 325 -25.37 37.63 11.16
C ASN A 325 -26.21 37.91 9.91
N ASP A 326 -25.67 38.60 8.92
CA ASP A 326 -26.43 38.96 7.70
C ASP A 326 -26.85 37.77 6.84
N TYR A 327 -26.25 36.61 7.09
CA TYR A 327 -26.47 35.44 6.27
C TYR A 327 -26.98 34.29 7.10
N PHE A 328 -27.65 34.61 8.20
CA PHE A 328 -28.02 33.61 9.21
C PHE A 328 -28.83 32.45 8.58
N GLU A 329 -29.70 32.76 7.62
CA GLU A 329 -30.54 31.72 6.97
C GLU A 329 -29.73 30.67 6.18
N TYR A 330 -28.51 31.01 5.74
CA TYR A 330 -27.70 30.04 5.01
C TYR A 330 -27.26 28.88 5.89
N PHE A 331 -27.29 29.08 7.20
CA PHE A 331 -26.73 28.10 8.15
C PHE A 331 -27.75 27.15 8.78
N GLY A 332 -28.99 27.22 8.31
CA GLY A 332 -29.99 26.25 8.74
C GLY A 332 -29.68 24.87 8.16
N PRO A 333 -30.34 23.83 8.67
CA PRO A 333 -31.41 23.92 9.68
C PRO A 333 -30.90 23.94 11.11
N ASP A 334 -29.60 23.75 11.29
CA ASP A 334 -28.97 23.64 12.62
C ASP A 334 -28.51 24.96 13.24
N PHE A 335 -27.93 25.86 12.44
CA PHE A 335 -27.41 27.14 12.93
C PHE A 335 -26.25 26.95 13.91
N LYS A 336 -25.47 25.90 13.70
CA LYS A 336 -24.27 25.62 14.47
C LYS A 336 -23.03 25.86 13.61
N LEU A 337 -21.90 26.10 14.28
CA LEU A 337 -20.62 26.31 13.59
C LEU A 337 -20.05 25.03 13.00
N HIS A 338 -20.06 23.96 13.79
CA HIS A 338 -19.46 22.70 13.39
C HIS A 338 -20.35 21.82 12.54
N ILE A 339 -19.74 20.95 11.74
CA ILE A 339 -20.47 20.09 10.82
C ILE A 339 -20.26 18.61 11.12
N SER A 340 -21.17 17.78 10.63
CA SER A 340 -21.11 16.32 10.77
C SER A 340 -20.60 15.75 9.48
N PRO A 341 -19.80 14.69 9.53
CA PRO A 341 -19.46 14.01 8.29
C PRO A 341 -20.67 13.24 7.76
N SER A 342 -20.65 12.94 6.48
CA SER A 342 -21.67 12.12 5.87
C SER A 342 -21.30 10.65 6.08
N ASN A 343 -22.21 9.75 5.69
CA ASN A 343 -22.00 8.30 5.77
C ASN A 343 -21.27 7.69 4.56
N MET A 344 -20.67 8.54 3.73
CA MET A 344 -19.98 8.09 2.51
C MET A 344 -18.82 7.21 2.87
N THR A 345 -18.52 6.26 2.00
CA THR A 345 -17.45 5.32 2.25
C THR A 345 -16.11 6.02 2.12
N ASN A 346 -15.20 5.72 3.05
CA ASN A 346 -13.83 6.14 2.93
C ASN A 346 -13.06 5.10 2.09
N GLN A 347 -12.74 5.44 0.85
CA GLN A 347 -11.97 4.57 -0.05
C GLN A 347 -10.49 4.49 0.31
N ASN A 348 -10.07 5.32 1.26
CA ASN A 348 -8.70 5.33 1.79
C ASN A 348 -8.53 4.43 3.00
N THR A 349 -8.05 3.22 2.79
CA THR A 349 -7.86 2.31 3.90
C THR A 349 -6.70 2.85 4.75
N PRO A 350 -6.69 2.50 6.03
CA PRO A 350 -5.56 2.84 6.92
C PRO A 350 -4.22 2.34 6.35
N GLU A 351 -4.22 1.15 5.75
CA GLU A 351 -3.03 0.59 5.13
C GLU A 351 -2.53 1.45 4.00
N TYR A 352 -3.45 1.89 3.15
CA TYR A 352 -3.11 2.82 2.04
C TYR A 352 -2.52 4.10 2.62
N MET A 353 -3.18 4.69 3.63
CA MET A 353 -2.63 5.91 4.26
C MET A 353 -1.20 5.73 4.76
N GLU A 354 -0.94 4.63 5.46
CA GLU A 354 0.40 4.38 6.02
C GLU A 354 1.44 4.09 4.93
N LYS A 355 1.01 3.43 3.86
CA LYS A 355 1.94 3.05 2.80
C LYS A 355 2.40 4.30 2.04
N ILE A 356 1.47 5.18 1.72
CA ILE A 356 1.85 6.41 1.00
C ILE A 356 2.77 7.28 1.89
N LYS A 357 2.42 7.41 3.17
CA LYS A 357 3.24 8.13 4.15
C LYS A 357 4.66 7.58 4.21
N GLN A 358 4.77 6.25 4.19
CA GLN A 358 6.05 5.60 4.21
C GLN A 358 6.87 5.89 2.96
N ARG A 359 6.26 5.86 1.78
CA ARG A 359 6.94 6.23 0.55
C ARG A 359 7.41 7.69 0.58
N LEU A 360 6.55 8.58 1.08
CA LEU A 360 6.94 9.99 1.18
C LEU A 360 8.10 10.21 2.14
N PHE A 361 8.10 9.48 3.25
CA PHE A 361 9.18 9.53 4.23
C PHE A 361 10.52 9.11 3.56
N GLU A 362 10.49 8.14 2.66
CA GLU A 362 11.70 7.69 1.96
C GLU A 362 12.31 8.81 1.15
N ASN A 363 11.44 9.56 0.46
CA ASN A 363 11.83 10.71 -0.34
C ASN A 363 12.42 11.82 0.51
N LEU A 364 11.81 12.07 1.67
CA LEU A 364 12.31 13.07 2.57
C LEU A 364 13.69 12.76 3.17
N ARG A 365 14.07 11.47 3.21
CA ARG A 365 15.41 11.06 3.66
C ARG A 365 16.50 11.55 2.71
N MET A 366 16.10 11.87 1.49
CA MET A 366 17.00 12.30 0.46
C MET A 366 17.39 13.78 0.59
N LEU A 367 16.74 14.50 1.49
CA LEU A 367 17.02 15.94 1.67
C LEU A 367 18.43 16.17 2.21
N LYS B 4 8.69 -11.29 -29.38
CA LYS B 4 7.59 -10.37 -29.87
C LYS B 4 6.22 -10.65 -29.19
N VAL B 5 5.73 -9.66 -28.46
CA VAL B 5 4.47 -9.80 -27.73
C VAL B 5 3.50 -8.70 -28.15
N CYS B 6 2.30 -9.09 -28.55
CA CYS B 6 1.23 -8.12 -28.76
C CYS B 6 0.09 -8.38 -27.77
N TYR B 7 -0.59 -7.30 -27.39
CA TYR B 7 -1.49 -7.33 -26.26
C TYR B 7 -2.72 -6.50 -26.61
N TYR B 8 -3.90 -7.02 -26.27
CA TYR B 8 -5.18 -6.40 -26.60
C TYR B 8 -5.92 -5.87 -25.41
N TYR B 9 -6.38 -4.64 -25.53
CA TYR B 9 -7.12 -4.01 -24.43
C TYR B 9 -7.99 -2.92 -24.99
N ASP B 10 -9.29 -2.95 -24.65
CA ASP B 10 -10.13 -1.81 -24.93
C ASP B 10 -10.46 -1.10 -23.61
N GLY B 11 -10.29 0.22 -23.60
CA GLY B 11 -10.50 1.03 -22.41
C GLY B 11 -11.93 1.03 -21.83
N ASP B 12 -12.90 0.49 -22.56
CA ASP B 12 -14.27 0.42 -22.02
C ASP B 12 -14.59 -0.93 -21.41
N ILE B 13 -13.67 -1.89 -21.57
CA ILE B 13 -13.91 -3.25 -21.10
C ILE B 13 -14.32 -3.31 -19.63
N GLY B 14 -13.70 -2.46 -18.79
CA GLY B 14 -14.00 -2.45 -17.36
C GLY B 14 -15.32 -1.78 -17.03
N ASN B 15 -15.99 -1.19 -18.02
CA ASN B 15 -17.21 -0.46 -17.80
C ASN B 15 -18.47 -1.32 -17.94
N TYR B 16 -18.34 -2.54 -18.48
CA TYR B 16 -19.49 -3.46 -18.57
C TYR B 16 -19.71 -4.08 -17.19
N TYR B 17 -20.97 -4.16 -16.77
CA TYR B 17 -21.29 -4.52 -15.39
C TYR B 17 -22.37 -5.58 -15.36
N TYR B 18 -22.07 -6.71 -14.74
CA TYR B 18 -22.98 -7.85 -14.73
C TYR B 18 -24.18 -7.66 -13.80
N GLY B 19 -24.07 -6.73 -12.86
CA GLY B 19 -25.16 -6.46 -11.91
C GLY B 19 -24.69 -6.65 -10.50
N GLN B 20 -25.39 -5.99 -9.56
CA GLN B 20 -25.08 -6.07 -8.13
C GLN B 20 -25.00 -7.52 -7.66
N GLY B 21 -23.92 -7.84 -6.96
CA GLY B 21 -23.73 -9.19 -6.41
C GLY B 21 -23.17 -10.25 -7.36
N HIS B 22 -23.10 -9.95 -8.66
CA HIS B 22 -22.54 -10.94 -9.57
C HIS B 22 -21.02 -10.90 -9.42
N PRO B 23 -20.39 -12.08 -9.23
CA PRO B 23 -18.94 -12.17 -8.98
C PRO B 23 -18.04 -11.86 -10.20
N MET B 24 -18.58 -11.97 -11.42
CA MET B 24 -17.80 -11.59 -12.61
C MET B 24 -17.72 -10.06 -12.70
N LYS B 25 -16.50 -9.54 -12.62
CA LYS B 25 -16.24 -8.10 -12.54
C LYS B 25 -15.26 -7.67 -13.64
N PRO B 26 -15.78 -7.24 -14.80
CA PRO B 26 -14.92 -6.82 -15.92
C PRO B 26 -13.88 -5.77 -15.56
N HIS B 27 -14.15 -4.97 -14.53
CA HIS B 27 -13.22 -3.98 -13.96
C HIS B 27 -11.84 -4.60 -13.63
N ARG B 28 -11.82 -5.90 -13.34
CA ARG B 28 -10.56 -6.60 -13.05
C ARG B 28 -9.56 -6.54 -14.22
N ILE B 29 -10.09 -6.41 -15.44
CA ILE B 29 -9.24 -6.31 -16.66
C ILE B 29 -8.59 -4.92 -16.73
N ARG B 30 -9.36 -3.89 -16.35
CA ARG B 30 -8.83 -2.54 -16.26
C ARG B 30 -7.78 -2.44 -15.14
N MET B 31 -8.02 -3.10 -14.01
CA MET B 31 -7.02 -3.11 -12.92
C MET B 31 -5.72 -3.78 -13.37
N THR B 32 -5.85 -4.90 -14.08
CA THR B 32 -4.72 -5.60 -14.65
C THR B 32 -3.96 -4.64 -15.58
N HIS B 33 -4.67 -4.06 -16.54
CA HIS B 33 -4.08 -3.14 -17.47
C HIS B 33 -3.35 -2.00 -16.78
N ASN B 34 -4.04 -1.32 -15.85
CA ASN B 34 -3.45 -0.18 -15.16
C ASN B 34 -2.19 -0.56 -14.35
N LEU B 35 -2.21 -1.75 -13.75
CA LEU B 35 -1.02 -2.22 -13.02
C LEU B 35 0.18 -2.47 -13.93
N LEU B 36 -0.03 -3.16 -15.06
CA LEU B 36 1.12 -3.46 -15.90
C LEU B 36 1.64 -2.19 -16.60
N LEU B 37 0.76 -1.21 -16.83
CA LEU B 37 1.17 0.09 -17.34
C LEU B 37 2.10 0.75 -16.34
N ASN B 38 1.74 0.67 -15.05
CA ASN B 38 2.54 1.34 -14.02
C ASN B 38 3.85 0.60 -13.70
N TYR B 39 3.94 -0.67 -14.07
CA TYR B 39 5.22 -1.39 -14.04
C TYR B 39 6.12 -1.08 -15.27
N GLY B 40 5.57 -0.34 -16.23
CA GLY B 40 6.28 0.05 -17.46
C GLY B 40 6.30 -1.01 -18.55
N LEU B 41 5.46 -2.03 -18.46
CA LEU B 41 5.53 -3.15 -19.40
C LEU B 41 5.06 -2.78 -20.81
N TYR B 42 4.37 -1.65 -20.95
CA TYR B 42 4.00 -1.16 -22.28
C TYR B 42 5.23 -0.80 -23.16
N ARG B 43 6.39 -0.62 -22.53
CA ARG B 43 7.60 -0.23 -23.27
C ARG B 43 8.07 -1.39 -24.12
N LYS B 44 7.71 -2.61 -23.72
CA LYS B 44 8.24 -3.81 -24.37
C LYS B 44 7.22 -4.54 -25.22
N MET B 45 5.99 -4.06 -25.30
CA MET B 45 5.03 -4.73 -26.15
C MET B 45 4.21 -3.81 -27.02
N GLU B 46 3.61 -4.39 -28.07
CA GLU B 46 2.67 -3.71 -28.91
C GLU B 46 1.30 -3.85 -28.26
N ILE B 47 0.67 -2.71 -27.97
CA ILE B 47 -0.66 -2.72 -27.38
C ILE B 47 -1.63 -2.28 -28.46
N TYR B 48 -2.67 -3.10 -28.67
CA TYR B 48 -3.73 -2.82 -29.64
C TYR B 48 -5.09 -2.78 -28.96
N ARG B 49 -6.04 -2.07 -29.57
CA ARG B 49 -7.45 -2.16 -29.21
C ARG B 49 -8.04 -3.31 -30.03
N PRO B 50 -8.86 -4.17 -29.41
CA PRO B 50 -9.54 -5.15 -30.24
C PRO B 50 -10.58 -4.44 -31.11
N HIS B 51 -10.93 -5.02 -32.24
CA HIS B 51 -12.10 -4.55 -32.98
C HIS B 51 -13.34 -5.18 -32.29
N LYS B 52 -14.54 -4.73 -32.65
CA LYS B 52 -15.75 -5.38 -32.16
C LYS B 52 -16.01 -6.55 -33.12
N ALA B 53 -15.73 -7.78 -32.67
CA ALA B 53 -15.96 -8.97 -33.50
C ALA B 53 -17.36 -8.90 -34.10
N THR B 54 -17.48 -9.19 -35.40
CA THR B 54 -18.76 -9.12 -36.12
C THR B 54 -19.62 -10.37 -35.90
N ALA B 55 -20.90 -10.29 -36.24
CA ALA B 55 -21.75 -11.47 -36.24
C ALA B 55 -21.17 -12.51 -37.20
N GLU B 56 -20.65 -12.07 -38.34
CA GLU B 56 -19.96 -12.96 -39.26
C GLU B 56 -18.82 -13.76 -38.59
N GLU B 57 -17.99 -13.09 -37.80
CA GLU B 57 -16.91 -13.76 -37.10
C GLU B 57 -17.49 -14.76 -36.09
N MET B 58 -18.43 -14.31 -35.29
CA MET B 58 -19.00 -15.17 -34.23
C MET B 58 -19.70 -16.42 -34.74
N THR B 59 -20.34 -16.31 -35.91
CA THR B 59 -21.11 -17.43 -36.44
C THR B 59 -20.22 -18.45 -37.15
N LYS B 60 -18.90 -18.23 -37.17
CA LYS B 60 -18.00 -19.29 -37.61
C LYS B 60 -18.17 -20.49 -36.68
N TYR B 61 -18.68 -20.24 -35.48
CA TYR B 61 -18.98 -21.34 -34.56
C TYR B 61 -20.43 -21.35 -34.02
N HIS B 62 -20.87 -20.20 -33.54
CA HIS B 62 -22.16 -20.07 -32.92
C HIS B 62 -23.25 -20.04 -33.95
N SER B 63 -24.44 -20.50 -33.55
CA SER B 63 -25.57 -20.52 -34.46
C SER B 63 -26.00 -19.07 -34.68
N ASP B 64 -26.49 -18.81 -35.89
CA ASP B 64 -27.01 -17.51 -36.29
C ASP B 64 -28.09 -17.02 -35.36
N GLU B 65 -28.99 -17.94 -34.97
CA GLU B 65 -30.12 -17.59 -34.11
C GLU B 65 -29.63 -17.10 -32.74
N TYR B 66 -28.66 -17.82 -32.18
CA TYR B 66 -28.10 -17.44 -30.87
C TYR B 66 -27.47 -16.06 -30.90
N ILE B 67 -26.65 -15.79 -31.92
CA ILE B 67 -25.97 -14.50 -32.04
C ILE B 67 -26.96 -13.36 -32.28
N LYS B 68 -27.95 -13.57 -33.17
CA LYS B 68 -29.01 -12.58 -33.40
C LYS B 68 -29.71 -12.23 -32.06
N PHE B 69 -30.01 -13.26 -31.26
CA PHE B 69 -30.57 -13.05 -29.93
C PHE B 69 -29.65 -12.18 -29.05
N LEU B 70 -28.37 -12.53 -28.99
CA LEU B 70 -27.43 -11.75 -28.16
C LEU B 70 -27.36 -10.31 -28.62
N ARG B 71 -27.50 -10.11 -29.93
CA ARG B 71 -27.44 -8.78 -30.54
C ARG B 71 -28.71 -7.95 -30.34
N SER B 72 -29.77 -8.59 -29.83
CA SER B 72 -31.12 -8.00 -29.70
C SER B 72 -31.55 -7.73 -28.26
N ILE B 73 -31.14 -8.62 -27.37
CA ILE B 73 -31.57 -8.63 -25.96
C ILE B 73 -31.05 -7.43 -25.17
N ARG B 74 -31.94 -6.76 -24.45
CA ARG B 74 -31.57 -5.63 -23.60
C ARG B 74 -32.40 -5.69 -22.31
N PRO B 75 -31.98 -4.98 -21.24
CA PRO B 75 -32.79 -4.94 -20.04
C PRO B 75 -34.22 -4.47 -20.32
N ASP B 76 -34.37 -3.48 -21.20
CA ASP B 76 -35.67 -2.87 -21.52
C ASP B 76 -36.64 -3.70 -22.38
N ASN B 77 -36.17 -4.80 -22.99
CA ASN B 77 -37.05 -5.69 -23.76
C ASN B 77 -37.06 -7.16 -23.32
N MET B 78 -36.57 -7.45 -22.11
CA MET B 78 -36.51 -8.83 -21.58
C MET B 78 -37.86 -9.54 -21.51
N SER B 79 -38.94 -8.83 -21.24
CA SER B 79 -40.27 -9.48 -21.13
C SER B 79 -40.72 -10.01 -22.48
N GLU B 80 -40.39 -9.28 -23.53
CA GLU B 80 -40.67 -9.64 -24.93
C GLU B 80 -39.89 -10.88 -25.41
N TYR B 81 -38.75 -11.16 -24.76
CA TYR B 81 -37.83 -12.21 -25.18
C TYR B 81 -37.71 -13.39 -24.20
N SER B 82 -38.71 -13.57 -23.35
CA SER B 82 -38.58 -14.54 -22.24
C SER B 82 -38.34 -16.00 -22.64
N LYS B 83 -38.96 -16.49 -23.72
CA LYS B 83 -38.71 -17.89 -24.15
C LYS B 83 -37.34 -18.09 -24.81
N GLN B 84 -36.85 -17.07 -25.51
CA GLN B 84 -35.50 -17.11 -26.07
C GLN B 84 -34.44 -17.02 -24.96
N MET B 85 -34.71 -16.23 -23.92
CA MET B 85 -33.80 -16.16 -22.78
C MET B 85 -33.63 -17.55 -22.17
N GLN B 86 -34.75 -18.25 -22.10
CA GLN B 86 -34.75 -19.61 -21.61
C GLN B 86 -33.98 -20.56 -22.55
N ARG B 87 -34.25 -20.46 -23.85
CA ARG B 87 -33.62 -21.31 -24.85
C ARG B 87 -32.10 -21.14 -24.84
N PHE B 88 -31.65 -19.89 -24.75
CA PHE B 88 -30.23 -19.56 -24.85
C PHE B 88 -29.49 -19.47 -23.51
N ASN B 89 -30.22 -19.77 -22.43
CA ASN B 89 -29.70 -19.78 -21.05
C ASN B 89 -29.14 -18.42 -20.63
N VAL B 90 -29.88 -17.37 -20.96
CA VAL B 90 -29.46 -16.03 -20.62
C VAL B 90 -30.47 -15.46 -19.62
N GLY B 91 -29.99 -14.84 -18.54
CA GLY B 91 -30.87 -14.16 -17.58
C GLY B 91 -30.66 -14.42 -16.09
N GLU B 92 -29.96 -15.50 -15.76
CA GLU B 92 -29.61 -15.79 -14.36
C GLU B 92 -28.10 -15.63 -14.14
N ASP B 93 -27.36 -16.72 -14.11
CA ASP B 93 -25.90 -16.65 -13.96
C ASP B 93 -25.25 -15.94 -15.13
N CYS B 94 -25.89 -15.96 -16.30
CA CYS B 94 -25.46 -15.18 -17.47
C CYS B 94 -26.49 -14.09 -17.71
N PRO B 95 -26.41 -13.00 -16.92
CA PRO B 95 -27.48 -12.00 -16.94
C PRO B 95 -27.56 -11.17 -18.21
N VAL B 96 -28.70 -10.51 -18.39
CA VAL B 96 -28.84 -9.49 -19.42
C VAL B 96 -28.36 -8.18 -18.81
N PHE B 97 -27.46 -7.49 -19.50
CA PHE B 97 -27.01 -6.18 -19.04
C PHE B 97 -26.76 -5.23 -20.20
N ASP B 98 -26.82 -3.94 -19.91
CA ASP B 98 -26.54 -2.88 -20.88
C ASP B 98 -25.15 -3.12 -21.49
N GLY B 99 -25.09 -3.14 -22.82
CA GLY B 99 -23.86 -3.31 -23.58
C GLY B 99 -23.35 -4.74 -23.63
N LEU B 100 -24.23 -5.69 -23.30
CA LEU B 100 -23.87 -7.10 -23.31
C LEU B 100 -23.22 -7.52 -24.63
N PHE B 101 -23.86 -7.18 -25.74
CA PHE B 101 -23.35 -7.66 -26.99
C PHE B 101 -21.97 -7.05 -27.29
N GLU B 102 -21.81 -5.77 -27.00
CA GLU B 102 -20.57 -5.03 -27.23
C GLU B 102 -19.44 -5.61 -26.37
N PHE B 103 -19.77 -5.95 -25.12
CA PHE B 103 -18.85 -6.68 -24.23
C PHE B 103 -18.37 -8.01 -24.88
N CYS B 104 -19.31 -8.78 -25.42
CA CYS B 104 -18.97 -10.01 -26.15
C CYS B 104 -18.06 -9.72 -27.36
N GLN B 105 -18.40 -8.68 -28.13
CA GLN B 105 -17.60 -8.30 -29.32
C GLN B 105 -16.14 -7.95 -28.98
N LEU B 106 -15.97 -7.19 -27.92
CA LEU B 106 -14.67 -6.74 -27.47
C LEU B 106 -13.79 -7.84 -26.87
N SER B 107 -14.41 -8.67 -26.02
CA SER B 107 -13.71 -9.79 -25.43
C SER B 107 -13.32 -10.75 -26.54
N THR B 108 -14.22 -10.95 -27.51
CA THR B 108 -13.94 -11.87 -28.61
C THR B 108 -12.94 -11.26 -29.62
N GLY B 109 -13.12 -9.97 -29.93
CA GLY B 109 -12.24 -9.28 -30.85
C GLY B 109 -10.77 -9.50 -30.54
N GLY B 110 -10.40 -9.39 -29.28
CA GLY B 110 -8.96 -9.53 -28.90
C GLY B 110 -8.38 -10.88 -29.25
N SER B 111 -9.17 -11.94 -29.07
CA SER B 111 -8.72 -13.31 -29.28
C SER B 111 -8.57 -13.62 -30.77
N VAL B 112 -9.59 -13.31 -31.56
CA VAL B 112 -9.51 -13.52 -33.00
C VAL B 112 -8.42 -12.63 -33.62
N ALA B 113 -8.31 -11.36 -33.20
CA ALA B 113 -7.25 -10.50 -33.74
C ALA B 113 -5.89 -11.07 -33.39
N GLY B 114 -5.74 -11.61 -32.17
CA GLY B 114 -4.47 -12.25 -31.76
C GLY B 114 -4.14 -13.46 -32.60
N ALA B 115 -5.14 -14.33 -32.83
CA ALA B 115 -4.92 -15.50 -33.68
C ALA B 115 -4.48 -15.09 -35.10
N VAL B 116 -5.07 -14.01 -35.63
CA VAL B 116 -4.72 -13.53 -36.97
C VAL B 116 -3.25 -13.03 -37.02
N LYS B 117 -2.86 -12.28 -36.01
CA LYS B 117 -1.46 -11.81 -35.86
C LYS B 117 -0.47 -12.97 -35.81
N LEU B 118 -0.84 -14.03 -35.09
CA LEU B 118 -0.04 -15.25 -35.02
C LEU B 118 0.05 -15.94 -36.40
N ASN B 119 -1.11 -16.12 -37.07
CA ASN B 119 -1.16 -16.70 -38.43
C ASN B 119 -0.26 -15.94 -39.43
N ARG B 120 -0.34 -14.61 -39.38
CA ARG B 120 0.45 -13.71 -40.26
C ARG B 120 1.93 -13.60 -39.86
N GLN B 121 2.28 -14.30 -38.78
CA GLN B 121 3.64 -14.34 -38.23
C GLN B 121 4.16 -12.94 -37.93
N GLN B 122 3.24 -12.07 -37.50
CA GLN B 122 3.59 -10.70 -37.09
C GLN B 122 3.94 -10.61 -35.59
N THR B 123 3.75 -11.72 -34.87
CA THR B 123 4.06 -11.80 -33.46
C THR B 123 4.38 -13.24 -33.08
N ASP B 124 5.08 -13.43 -31.96
CA ASP B 124 5.28 -14.75 -31.38
C ASP B 124 4.24 -15.11 -30.32
N MET B 125 3.84 -14.10 -29.56
CA MET B 125 2.80 -14.21 -28.52
C MET B 125 1.81 -13.09 -28.70
N ALA B 126 0.53 -13.42 -28.48
CA ALA B 126 -0.58 -12.47 -28.45
C ALA B 126 -1.30 -12.71 -27.13
N VAL B 127 -1.71 -11.64 -26.46
CA VAL B 127 -2.32 -11.73 -25.13
C VAL B 127 -3.68 -11.03 -25.16
N ASN B 128 -4.75 -11.70 -24.67
CA ASN B 128 -6.04 -11.03 -24.50
C ASN B 128 -6.63 -11.43 -23.18
N TRP B 129 -6.39 -10.61 -22.15
CA TRP B 129 -6.91 -10.96 -20.82
C TRP B 129 -8.43 -10.91 -20.71
N ALA B 130 -9.08 -10.22 -21.65
CA ALA B 130 -10.55 -10.13 -21.67
C ALA B 130 -11.18 -11.42 -22.19
N GLY B 131 -10.37 -12.29 -22.82
CA GLY B 131 -10.87 -13.53 -23.41
C GLY B 131 -10.81 -14.73 -22.48
N GLY B 132 -10.91 -15.94 -23.04
CA GLY B 132 -10.82 -17.15 -22.24
C GLY B 132 -12.17 -17.64 -21.73
N LEU B 133 -13.24 -17.30 -22.44
CA LEU B 133 -14.63 -17.63 -22.03
C LEU B 133 -14.99 -19.07 -22.37
N HIS B 134 -14.38 -20.00 -21.65
CA HIS B 134 -14.38 -21.39 -22.11
C HIS B 134 -15.67 -22.19 -21.96
N HIS B 135 -16.68 -21.63 -21.31
CA HIS B 135 -17.92 -22.38 -21.04
C HIS B 135 -18.97 -22.16 -22.12
N ALA B 136 -18.80 -21.10 -22.92
CA ALA B 136 -19.84 -20.80 -23.92
C ALA B 136 -19.99 -21.92 -24.94
N LYS B 137 -21.26 -22.20 -25.30
CA LYS B 137 -21.62 -23.29 -26.21
C LYS B 137 -22.10 -22.75 -27.53
N LYS B 138 -22.23 -23.64 -28.51
CA LYS B 138 -22.67 -23.27 -29.84
C LYS B 138 -23.96 -22.41 -29.82
N SER B 139 -24.98 -22.85 -29.09
CA SER B 139 -26.23 -22.11 -29.04
C SER B 139 -26.68 -21.77 -27.64
N GLU B 140 -25.76 -21.61 -26.70
CA GLU B 140 -26.16 -21.15 -25.36
C GLU B 140 -25.05 -20.59 -24.49
N ALA B 141 -25.42 -19.62 -23.66
CA ALA B 141 -24.55 -19.09 -22.63
C ALA B 141 -24.39 -20.09 -21.52
N SER B 142 -23.27 -20.00 -20.81
CA SER B 142 -23.06 -20.85 -19.67
C SER B 142 -21.96 -20.28 -18.79
N GLY B 143 -22.17 -20.29 -17.48
CA GLY B 143 -21.07 -20.03 -16.54
C GLY B 143 -20.47 -18.65 -16.70
N PHE B 144 -21.36 -17.69 -16.94
CA PHE B 144 -21.00 -16.27 -17.09
C PHE B 144 -20.46 -15.96 -18.51
N CYS B 145 -20.36 -17.00 -19.36
CA CYS B 145 -19.80 -16.89 -20.73
C CYS B 145 -20.91 -16.89 -21.78
N TYR B 146 -20.81 -15.97 -22.76
CA TYR B 146 -21.80 -15.89 -23.85
C TYR B 146 -21.24 -16.32 -25.19
N VAL B 147 -20.06 -15.82 -25.53
CA VAL B 147 -19.46 -16.12 -26.83
C VAL B 147 -18.10 -16.77 -26.60
N ASN B 148 -17.85 -17.91 -27.24
CA ASN B 148 -16.62 -18.64 -27.01
C ASN B 148 -15.50 -18.12 -27.91
N ASP B 149 -14.87 -17.03 -27.47
CA ASP B 149 -13.73 -16.43 -28.20
C ASP B 149 -12.65 -17.45 -28.43
N ILE B 150 -12.56 -18.45 -27.56
CA ILE B 150 -11.46 -19.45 -27.64
C ILE B 150 -11.65 -20.34 -28.84
N VAL B 151 -12.86 -20.89 -28.99
CA VAL B 151 -13.19 -21.73 -30.12
C VAL B 151 -12.97 -20.94 -31.43
N LEU B 152 -13.39 -19.69 -31.45
CA LEU B 152 -13.22 -18.84 -32.66
C LEU B 152 -11.74 -18.56 -32.97
N ALA B 153 -10.93 -18.32 -31.94
CA ALA B 153 -9.48 -18.10 -32.12
C ALA B 153 -8.86 -19.38 -32.67
N ILE B 154 -9.28 -20.53 -32.13
CA ILE B 154 -8.76 -21.80 -32.58
C ILE B 154 -9.10 -22.08 -34.05
N LEU B 155 -10.36 -21.86 -34.42
CA LEU B 155 -10.79 -21.97 -35.82
C LEU B 155 -9.94 -21.09 -36.73
N GLU B 156 -9.62 -19.88 -36.27
CA GLU B 156 -8.78 -18.99 -37.05
C GLU B 156 -7.40 -19.62 -37.19
N LEU B 157 -6.81 -20.11 -36.09
CA LEU B 157 -5.51 -20.78 -36.16
C LEU B 157 -5.53 -22.01 -37.12
N LEU B 158 -6.63 -22.76 -37.08
CA LEU B 158 -6.78 -23.96 -37.91
C LEU B 158 -6.75 -23.70 -39.41
N LYS B 159 -6.92 -22.44 -39.80
CA LYS B 159 -6.75 -22.06 -41.20
C LYS B 159 -5.32 -22.36 -41.64
N TYR B 160 -4.34 -22.14 -40.75
CA TYR B 160 -2.91 -22.20 -41.10
C TYR B 160 -2.15 -23.31 -40.42
N HIS B 161 -2.73 -23.85 -39.36
CA HIS B 161 -2.08 -24.86 -38.53
C HIS B 161 -2.82 -26.17 -38.56
N GLN B 162 -2.10 -27.23 -38.92
CA GLN B 162 -2.69 -28.56 -38.97
C GLN B 162 -3.11 -29.11 -37.58
N ARG B 163 -2.26 -28.84 -36.57
CA ARG B 163 -2.52 -29.29 -35.20
C ARG B 163 -2.42 -28.10 -34.25
N VAL B 164 -3.49 -27.85 -33.52
CA VAL B 164 -3.51 -26.80 -32.49
C VAL B 164 -3.71 -27.41 -31.10
N LEU B 165 -2.84 -27.02 -30.17
CA LEU B 165 -2.94 -27.42 -28.75
C LEU B 165 -3.58 -26.34 -27.87
N TYR B 166 -4.56 -26.76 -27.10
CA TYR B 166 -5.29 -25.89 -26.16
C TYR B 166 -4.98 -26.38 -24.74
N ILE B 167 -4.55 -25.47 -23.88
CA ILE B 167 -4.22 -25.82 -22.49
C ILE B 167 -5.02 -24.92 -21.57
N ASP B 168 -5.63 -25.48 -20.53
CA ASP B 168 -6.61 -24.74 -19.74
C ASP B 168 -6.33 -24.91 -18.23
N ILE B 169 -5.86 -23.82 -17.59
CA ILE B 169 -5.50 -23.84 -16.17
C ILE B 169 -6.50 -23.10 -15.25
N ASP B 170 -7.65 -22.71 -15.83
CA ASP B 170 -8.81 -22.22 -15.06
C ASP B 170 -9.18 -23.35 -14.11
N ILE B 171 -9.72 -23.04 -12.94
CA ILE B 171 -10.08 -24.10 -11.99
C ILE B 171 -11.24 -24.97 -12.55
N HIS B 172 -12.01 -24.44 -13.50
CA HIS B 172 -13.11 -25.19 -14.10
C HIS B 172 -12.68 -25.90 -15.36
N HIS B 173 -13.38 -26.99 -15.67
CA HIS B 173 -13.16 -27.75 -16.89
C HIS B 173 -13.50 -26.85 -18.07
N GLY B 174 -12.67 -26.83 -19.11
CA GLY B 174 -12.97 -26.06 -20.30
C GLY B 174 -13.94 -26.82 -21.18
N ASP B 175 -15.20 -26.91 -20.75
CA ASP B 175 -16.14 -27.80 -21.40
C ASP B 175 -16.53 -27.32 -22.79
N GLY B 176 -16.70 -26.00 -22.98
CA GLY B 176 -17.17 -25.49 -24.27
C GLY B 176 -16.13 -25.72 -25.37
N VAL B 177 -14.85 -25.62 -25.01
CA VAL B 177 -13.76 -25.82 -25.99
C VAL B 177 -13.60 -27.30 -26.27
N GLU B 178 -13.64 -28.11 -25.21
CA GLU B 178 -13.51 -29.54 -25.40
C GLU B 178 -14.62 -30.05 -26.31
N GLU B 179 -15.86 -29.63 -26.04
CA GLU B 179 -17.02 -30.04 -26.83
C GLU B 179 -16.92 -29.66 -28.30
N ALA B 180 -16.45 -28.45 -28.58
CA ALA B 180 -16.30 -28.01 -29.97
C ALA B 180 -15.35 -28.90 -30.77
N PHE B 181 -14.28 -29.34 -30.12
CA PHE B 181 -13.22 -30.11 -30.77
C PHE B 181 -13.12 -31.59 -30.33
N TYR B 182 -14.18 -32.12 -29.73
CA TYR B 182 -14.15 -33.47 -29.16
C TYR B 182 -13.92 -34.57 -30.16
N THR B 183 -14.41 -34.37 -31.37
CA THR B 183 -14.33 -35.38 -32.41
C THR B 183 -13.26 -35.10 -33.47
N THR B 184 -12.35 -34.18 -33.21
CA THR B 184 -11.26 -33.94 -34.17
C THR B 184 -9.89 -34.16 -33.55
N ASP B 185 -8.95 -34.65 -34.37
CA ASP B 185 -7.58 -34.77 -33.94
C ASP B 185 -6.80 -33.51 -34.28
N ARG B 186 -7.46 -32.52 -34.86
CA ARG B 186 -6.76 -31.29 -35.24
C ARG B 186 -6.61 -30.27 -34.11
N VAL B 187 -7.31 -30.53 -33.01
CA VAL B 187 -7.17 -29.77 -31.77
C VAL B 187 -7.12 -30.79 -30.64
N MET B 188 -6.07 -30.73 -29.85
CA MET B 188 -5.98 -31.48 -28.60
C MET B 188 -6.27 -30.51 -27.48
N THR B 189 -7.22 -30.89 -26.62
CA THR B 189 -7.60 -30.04 -25.51
C THR B 189 -7.07 -30.71 -24.23
N VAL B 190 -6.38 -29.92 -23.41
CA VAL B 190 -5.80 -30.37 -22.13
C VAL B 190 -6.30 -29.46 -21.01
N SER B 191 -7.15 -29.99 -20.12
CA SER B 191 -7.67 -29.21 -19.00
C SER B 191 -7.25 -29.82 -17.66
N PHE B 192 -6.76 -28.97 -16.76
CA PHE B 192 -6.55 -29.31 -15.34
C PHE B 192 -7.63 -28.56 -14.60
N HIS B 193 -8.35 -29.22 -13.70
CA HIS B 193 -9.52 -28.57 -13.08
C HIS B 193 -9.99 -29.32 -11.82
N LYS B 194 -10.68 -28.61 -10.92
CA LYS B 194 -11.34 -29.26 -9.79
C LYS B 194 -12.47 -30.13 -10.39
N TYR B 195 -12.60 -31.33 -9.87
CA TYR B 195 -13.61 -32.26 -10.33
C TYR B 195 -14.24 -32.96 -9.10
N GLY B 196 -15.56 -33.15 -9.13
CA GLY B 196 -16.29 -33.76 -8.00
C GLY B 196 -17.47 -32.88 -7.65
N GLU B 197 -18.57 -33.07 -8.35
CA GLU B 197 -19.78 -32.23 -8.17
C GLU B 197 -19.44 -30.74 -8.11
N TYR B 198 -18.73 -30.30 -9.13
CA TYR B 198 -18.24 -28.92 -9.17
C TYR B 198 -18.59 -28.46 -10.57
N PHE B 199 -18.90 -27.18 -10.74
CA PHE B 199 -19.20 -26.68 -12.09
C PHE B 199 -18.01 -26.92 -13.06
N PRO B 200 -18.28 -27.28 -14.33
CA PRO B 200 -19.59 -27.58 -14.94
C PRO B 200 -20.03 -29.04 -14.84
N GLY B 201 -19.22 -29.90 -14.23
CA GLY B 201 -19.60 -31.31 -14.02
C GLY B 201 -18.92 -32.28 -14.97
N THR B 202 -18.15 -31.74 -15.93
CA THR B 202 -17.54 -32.56 -16.97
C THR B 202 -16.04 -32.62 -16.71
N GLY B 203 -15.26 -33.17 -17.63
CA GLY B 203 -13.84 -33.26 -17.40
C GLY B 203 -13.38 -34.43 -16.58
N ASP B 204 -14.10 -35.54 -16.70
CA ASP B 204 -13.69 -36.80 -16.08
C ASP B 204 -12.42 -37.23 -16.80
N LEU B 205 -11.52 -37.88 -16.07
CA LEU B 205 -10.32 -38.51 -16.62
C LEU B 205 -10.62 -39.41 -17.83
N ARG B 206 -11.77 -40.08 -17.79
CA ARG B 206 -12.17 -41.02 -18.83
C ARG B 206 -12.75 -40.36 -20.09
N ASP B 207 -12.96 -39.04 -20.05
CA ASP B 207 -13.40 -38.33 -21.25
C ASP B 207 -12.18 -38.02 -22.10
N ILE B 208 -11.95 -38.85 -23.12
CA ILE B 208 -10.72 -38.78 -23.91
C ILE B 208 -10.89 -38.38 -25.38
N GLY B 209 -12.12 -38.02 -25.75
CA GLY B 209 -12.41 -37.70 -27.15
C GLY B 209 -13.25 -38.81 -27.77
N ALA B 210 -13.72 -38.59 -29.01
CA ALA B 210 -14.53 -39.56 -29.75
C ALA B 210 -14.16 -39.52 -31.22
N GLY B 211 -14.34 -40.65 -31.92
CA GLY B 211 -14.16 -40.70 -33.37
C GLY B 211 -12.70 -40.45 -33.71
N LYS B 212 -12.46 -39.57 -34.69
CA LYS B 212 -11.10 -39.16 -35.03
C LYS B 212 -10.42 -38.47 -33.84
N GLY B 213 -11.23 -37.90 -32.94
CA GLY B 213 -10.71 -37.19 -31.76
C GLY B 213 -10.43 -38.04 -30.54
N LYS B 214 -10.59 -39.36 -30.66
CA LYS B 214 -10.28 -40.26 -29.53
C LYS B 214 -8.79 -40.16 -29.21
N TYR B 215 -8.50 -39.94 -27.92
CA TYR B 215 -7.15 -39.68 -27.39
C TYR B 215 -6.69 -38.23 -27.54
N TYR B 216 -7.53 -37.37 -28.11
CA TYR B 216 -7.16 -35.97 -28.29
C TYR B 216 -7.80 -35.00 -27.29
N ALA B 217 -8.51 -35.54 -26.31
CA ALA B 217 -8.98 -34.73 -25.16
C ALA B 217 -8.30 -35.31 -23.94
N VAL B 218 -7.73 -34.45 -23.12
CA VAL B 218 -6.96 -34.86 -21.95
C VAL B 218 -7.53 -34.09 -20.78
N ASN B 219 -7.89 -34.80 -19.71
CA ASN B 219 -8.49 -34.15 -18.56
C ASN B 219 -7.80 -34.58 -17.29
N PHE B 220 -7.36 -33.60 -16.48
CA PHE B 220 -6.73 -33.93 -15.22
C PHE B 220 -7.59 -33.43 -14.06
N PRO B 221 -8.42 -34.32 -13.50
CA PRO B 221 -9.26 -33.95 -12.38
C PRO B 221 -8.49 -33.83 -11.08
N MET B 222 -8.74 -32.73 -10.34
CA MET B 222 -8.07 -32.44 -9.09
C MET B 222 -9.05 -32.16 -7.97
N ARG B 223 -8.57 -32.31 -6.73
CA ARG B 223 -9.34 -32.05 -5.51
C ARG B 223 -8.97 -30.67 -4.93
N ASP B 224 -9.75 -30.18 -3.98
CA ASP B 224 -9.43 -28.93 -3.26
C ASP B 224 -7.99 -28.83 -2.75
N GLY B 225 -7.46 -27.60 -2.72
CA GLY B 225 -6.23 -27.31 -2.01
C GLY B 225 -4.94 -27.59 -2.72
N ILE B 226 -4.99 -27.91 -4.00
CA ILE B 226 -3.75 -28.19 -4.70
C ILE B 226 -2.81 -26.97 -4.57
N ASP B 227 -1.51 -27.22 -4.47
CA ASP B 227 -0.51 -26.16 -4.23
C ASP B 227 0.52 -26.09 -5.36
N ASP B 228 1.39 -25.10 -5.29
CA ASP B 228 2.36 -24.87 -6.34
C ASP B 228 3.18 -26.12 -6.62
N GLU B 229 3.70 -26.77 -5.59
CA GLU B 229 4.61 -27.92 -5.78
C GLU B 229 3.87 -29.10 -6.43
N SER B 230 2.70 -29.46 -5.93
CA SER B 230 1.90 -30.54 -6.54
C SER B 230 1.50 -30.26 -8.01
N TYR B 231 1.02 -29.05 -8.29
CA TYR B 231 0.57 -28.69 -9.62
C TYR B 231 1.77 -28.70 -10.58
N GLY B 232 2.86 -28.05 -10.18
CA GLY B 232 4.07 -27.97 -11.02
C GLY B 232 4.68 -29.33 -11.38
N GLN B 233 4.68 -30.23 -10.42
CA GLN B 233 5.18 -31.60 -10.62
C GLN B 233 4.34 -32.43 -11.58
N ILE B 234 3.10 -32.03 -11.77
CA ILE B 234 2.18 -32.63 -12.74
C ILE B 234 2.21 -31.93 -14.10
N PHE B 235 2.20 -30.59 -14.08
CA PHE B 235 1.98 -29.83 -15.30
C PHE B 235 3.09 -30.02 -16.37
N LYS B 236 4.35 -29.91 -15.96
CA LYS B 236 5.46 -29.93 -16.93
C LYS B 236 5.62 -31.31 -17.57
N PRO B 237 5.57 -32.41 -16.76
CA PRO B 237 5.58 -33.72 -17.40
C PRO B 237 4.42 -33.95 -18.37
N ILE B 238 3.19 -33.58 -18.00
CA ILE B 238 2.05 -33.80 -18.89
C ILE B 238 2.23 -32.99 -20.17
N ILE B 239 2.55 -31.71 -20.04
CA ILE B 239 2.72 -30.86 -21.21
C ILE B 239 3.91 -31.30 -22.10
N SER B 240 5.04 -31.64 -21.49
CA SER B 240 6.17 -32.16 -22.29
C SER B 240 5.76 -33.41 -23.10
N LYS B 241 5.04 -34.34 -22.46
CA LYS B 241 4.58 -35.55 -23.14
C LYS B 241 3.57 -35.25 -24.25
N VAL B 242 2.68 -34.29 -23.99
CA VAL B 242 1.70 -33.87 -24.99
C VAL B 242 2.46 -33.29 -26.19
N MET B 243 3.45 -32.45 -25.93
CA MET B 243 4.19 -31.78 -27.01
C MET B 243 4.90 -32.82 -27.88
N GLU B 244 5.53 -33.77 -27.21
CA GLU B 244 6.31 -34.81 -27.84
C GLU B 244 5.43 -35.68 -28.73
N MET B 245 4.25 -36.06 -28.23
CA MET B 245 3.38 -36.98 -28.95
C MET B 245 2.54 -36.30 -30.03
N TYR B 246 2.06 -35.10 -29.74
CA TYR B 246 1.10 -34.41 -30.60
C TYR B 246 1.79 -33.45 -31.55
N GLN B 247 2.92 -32.89 -31.13
CA GLN B 247 3.67 -31.95 -31.96
C GLN B 247 2.77 -30.90 -32.63
N PRO B 248 2.13 -30.03 -31.82
CA PRO B 248 1.29 -28.99 -32.41
C PRO B 248 2.16 -27.89 -33.02
N SER B 249 1.59 -27.09 -33.90
CA SER B 249 2.33 -25.95 -34.47
C SER B 249 1.89 -24.62 -33.89
N ALA B 250 0.82 -24.63 -33.08
CA ALA B 250 0.38 -23.43 -32.37
C ALA B 250 -0.25 -23.82 -31.04
N VAL B 251 -0.22 -22.90 -30.07
CA VAL B 251 -0.76 -23.20 -28.74
C VAL B 251 -1.69 -22.08 -28.26
N VAL B 252 -2.82 -22.47 -27.66
CA VAL B 252 -3.69 -21.52 -26.98
C VAL B 252 -3.70 -21.88 -25.48
N LEU B 253 -3.38 -20.90 -24.64
CA LEU B 253 -3.31 -21.12 -23.20
C LEU B 253 -4.32 -20.24 -22.50
N GLN B 254 -5.30 -20.89 -21.88
CA GLN B 254 -6.32 -20.19 -21.08
C GLN B 254 -5.78 -20.12 -19.64
N CYS B 255 -5.60 -18.89 -19.12
CA CYS B 255 -4.98 -18.66 -17.83
C CYS B 255 -5.98 -18.19 -16.77
N GLY B 256 -7.17 -18.83 -16.69
CA GLY B 256 -8.15 -18.41 -15.67
C GLY B 256 -7.52 -18.40 -14.30
N ALA B 257 -7.69 -17.28 -13.58
CA ALA B 257 -7.04 -17.03 -12.28
C ALA B 257 -7.91 -17.48 -11.10
N ASP B 258 -9.04 -18.15 -11.37
CA ASP B 258 -9.88 -18.70 -10.30
C ASP B 258 -9.25 -19.95 -9.67
N SER B 259 -8.11 -20.38 -10.24
CA SER B 259 -7.29 -21.43 -9.64
C SER B 259 -6.29 -20.92 -8.60
N LEU B 260 -6.33 -19.62 -8.33
CA LEU B 260 -5.45 -19.06 -7.30
C LEU B 260 -5.98 -19.26 -5.90
N SER B 261 -5.03 -19.35 -4.96
CA SER B 261 -5.32 -19.26 -3.53
C SER B 261 -6.16 -18.01 -3.21
N GLY B 262 -7.21 -18.22 -2.40
CA GLY B 262 -8.02 -17.11 -1.93
C GLY B 262 -9.11 -16.69 -2.89
N ASP B 263 -9.33 -17.46 -3.96
CA ASP B 263 -10.33 -17.05 -4.93
C ASP B 263 -11.72 -17.14 -4.29
N ARG B 264 -12.53 -16.10 -4.50
CA ARG B 264 -13.89 -16.02 -3.96
C ARG B 264 -14.68 -17.27 -4.26
N LEU B 265 -14.49 -17.86 -5.44
CA LEU B 265 -15.30 -19.02 -5.85
C LEU B 265 -14.53 -20.33 -6.00
N GLY B 266 -13.21 -20.27 -6.13
CA GLY B 266 -12.44 -21.49 -6.31
C GLY B 266 -11.84 -22.00 -5.02
N CYS B 267 -11.31 -23.21 -5.04
CA CYS B 267 -10.80 -23.85 -3.84
C CYS B 267 -9.42 -24.46 -4.01
N PHE B 268 -8.59 -23.85 -4.88
CA PHE B 268 -7.19 -24.28 -5.09
C PHE B 268 -6.27 -23.40 -4.25
N ASN B 269 -4.97 -23.73 -4.16
CA ASN B 269 -4.09 -22.99 -3.28
C ASN B 269 -2.79 -22.63 -4.00
N LEU B 270 -2.93 -22.23 -5.26
CA LEU B 270 -1.81 -21.80 -6.10
C LEU B 270 -1.48 -20.37 -5.79
N THR B 271 -0.19 -20.04 -5.86
CA THR B 271 0.21 -18.66 -5.75
C THR B 271 0.34 -18.12 -7.18
N VAL B 272 0.63 -16.83 -7.31
CA VAL B 272 0.82 -16.28 -8.63
C VAL B 272 2.04 -16.94 -9.33
N LYS B 273 3.10 -17.24 -8.57
CA LYS B 273 4.29 -17.93 -9.14
C LYS B 273 3.94 -19.32 -9.63
N GLY B 274 3.11 -20.05 -8.87
CA GLY B 274 2.69 -21.41 -9.25
C GLY B 274 1.84 -21.43 -10.51
N HIS B 275 0.96 -20.46 -10.65
CA HIS B 275 0.10 -20.32 -11.83
C HIS B 275 0.97 -19.91 -13.04
N ALA B 276 1.82 -18.89 -12.84
CA ALA B 276 2.68 -18.36 -13.91
C ALA B 276 3.75 -19.34 -14.40
N LYS B 277 4.16 -20.26 -13.54
CA LYS B 277 5.03 -21.38 -13.95
C LYS B 277 4.49 -22.10 -15.19
N CYS B 278 3.14 -22.23 -15.29
CA CYS B 278 2.51 -22.84 -16.46
C CYS B 278 2.81 -22.06 -17.72
N VAL B 279 2.80 -20.74 -17.63
CA VAL B 279 3.15 -19.91 -18.79
C VAL B 279 4.63 -20.16 -19.15
N GLU B 280 5.53 -20.08 -18.17
CA GLU B 280 6.97 -20.34 -18.45
C GLU B 280 7.19 -21.67 -19.17
N VAL B 281 6.55 -22.73 -18.65
CA VAL B 281 6.68 -24.06 -19.24
C VAL B 281 6.26 -24.08 -20.70
N VAL B 282 5.06 -23.55 -20.98
CA VAL B 282 4.55 -23.52 -22.35
C VAL B 282 5.48 -22.73 -23.31
N LYS B 283 5.96 -21.58 -22.87
CA LYS B 283 6.91 -20.78 -23.67
C LYS B 283 8.18 -21.54 -24.08
N THR B 284 8.62 -22.50 -23.27
CA THR B 284 9.89 -23.19 -23.55
C THR B 284 9.85 -23.94 -24.86
N PHE B 285 8.63 -24.27 -25.34
CA PHE B 285 8.47 -25.00 -26.60
C PHE B 285 8.59 -24.14 -27.86
N ASN B 286 8.65 -22.82 -27.68
CA ASN B 286 8.91 -21.88 -28.77
C ASN B 286 7.92 -21.92 -29.91
N LEU B 287 6.64 -22.13 -29.57
CA LEU B 287 5.56 -22.16 -30.56
C LEU B 287 4.71 -20.89 -30.48
N PRO B 288 4.14 -20.45 -31.61
CA PRO B 288 3.25 -19.30 -31.64
C PRO B 288 2.21 -19.52 -30.53
N LEU B 289 2.01 -18.53 -29.66
CA LEU B 289 1.22 -18.77 -28.46
C LEU B 289 0.19 -17.66 -28.24
N LEU B 290 -1.08 -18.05 -28.07
CA LEU B 290 -2.12 -17.12 -27.69
C LEU B 290 -2.54 -17.35 -26.22
N MET B 291 -2.33 -16.33 -25.40
CA MET B 291 -2.61 -16.39 -23.96
C MET B 291 -3.86 -15.62 -23.70
N LEU B 292 -4.82 -16.27 -23.03
CA LEU B 292 -6.12 -15.66 -22.79
C LEU B 292 -6.43 -15.61 -21.30
N GLY B 293 -7.38 -14.76 -20.91
CA GLY B 293 -7.82 -14.72 -19.52
C GLY B 293 -8.73 -15.90 -19.18
N GLY B 294 -9.77 -15.64 -18.38
CA GLY B 294 -10.66 -16.69 -17.92
C GLY B 294 -11.31 -16.25 -16.62
N GLY B 295 -11.54 -17.18 -15.71
CA GLY B 295 -12.17 -16.87 -14.43
C GLY B 295 -11.24 -16.13 -13.47
N GLY B 296 -11.74 -15.81 -12.27
CA GLY B 296 -10.95 -15.06 -11.28
C GLY B 296 -11.83 -14.02 -10.61
N TYR B 297 -12.02 -14.18 -9.31
CA TYR B 297 -13.11 -13.51 -8.59
C TYR B 297 -12.63 -12.71 -7.39
N THR B 298 -11.37 -12.87 -7.01
CA THR B 298 -10.74 -12.00 -6.01
C THR B 298 -9.89 -11.10 -6.88
N ILE B 299 -10.47 -9.95 -7.22
CA ILE B 299 -9.94 -9.18 -8.35
C ILE B 299 -8.53 -8.58 -8.15
N ARG B 300 -8.14 -8.27 -6.92
CA ARG B 300 -6.74 -7.86 -6.67
C ARG B 300 -5.76 -8.95 -7.10
N ASN B 301 -6.16 -10.23 -6.92
CA ASN B 301 -5.29 -11.37 -7.25
C ASN B 301 -5.26 -11.65 -8.72
N VAL B 302 -6.41 -11.46 -9.36
CA VAL B 302 -6.51 -11.49 -10.82
C VAL B 302 -5.54 -10.47 -11.45
N ALA B 303 -5.60 -9.21 -11.03
CA ALA B 303 -4.69 -8.16 -11.55
C ALA B 303 -3.23 -8.56 -11.36
N ARG B 304 -2.89 -9.06 -10.16
CA ARG B 304 -1.52 -9.51 -9.88
C ARG B 304 -1.08 -10.62 -10.82
N CYS B 305 -1.96 -11.61 -11.00
CA CYS B 305 -1.64 -12.81 -11.74
C CYS B 305 -1.34 -12.52 -13.21
N TRP B 306 -2.22 -11.73 -13.84
CA TRP B 306 -2.12 -11.43 -15.26
C TRP B 306 -1.03 -10.39 -15.57
N THR B 307 -0.75 -9.52 -14.62
CA THR B 307 0.38 -8.58 -14.70
C THR B 307 1.68 -9.40 -14.74
N TYR B 308 1.84 -10.30 -13.77
CA TYR B 308 3.03 -11.16 -13.70
C TYR B 308 3.19 -12.05 -14.91
N GLU B 309 2.09 -12.66 -15.36
CA GLU B 309 2.09 -13.48 -16.57
C GLU B 309 2.40 -12.67 -17.85
N THR B 310 2.09 -11.38 -17.85
CA THR B 310 2.47 -10.51 -18.97
C THR B 310 4.01 -10.32 -18.88
N ALA B 311 4.54 -10.12 -17.67
CA ALA B 311 6.00 -10.01 -17.50
C ALA B 311 6.71 -11.31 -17.95
N VAL B 312 6.15 -12.47 -17.58
CA VAL B 312 6.67 -13.77 -18.01
C VAL B 312 6.73 -13.85 -19.56
N ALA B 313 5.62 -13.53 -20.21
CA ALA B 313 5.59 -13.46 -21.67
C ALA B 313 6.70 -12.56 -22.25
N LEU B 314 6.96 -11.45 -21.60
CA LEU B 314 7.99 -10.47 -22.06
C LEU B 314 9.40 -10.87 -21.60
N ASP B 315 9.50 -12.04 -20.97
CA ASP B 315 10.77 -12.54 -20.42
C ASP B 315 11.42 -11.50 -19.48
N CYS B 316 10.54 -10.88 -18.68
CA CYS B 316 10.83 -9.77 -17.79
C CYS B 316 10.55 -10.19 -16.35
N GLU B 317 11.41 -9.85 -15.41
CA GLU B 317 11.04 -9.93 -14.01
C GLU B 317 10.58 -8.54 -13.56
N ILE B 318 9.67 -8.50 -12.60
CA ILE B 318 9.20 -7.22 -12.10
C ILE B 318 9.29 -7.28 -10.58
N PRO B 319 9.49 -6.13 -9.92
CA PRO B 319 9.66 -6.15 -8.47
C PRO B 319 8.38 -6.57 -7.72
N ASN B 320 8.57 -7.21 -6.57
CA ASN B 320 7.45 -7.58 -5.72
C ASN B 320 6.70 -6.34 -5.19
N GLU B 321 7.44 -5.28 -4.97
CA GLU B 321 6.87 -4.01 -4.50
C GLU B 321 5.96 -3.43 -5.59
N LEU B 322 4.65 -3.36 -5.34
CA LEU B 322 3.75 -2.82 -6.38
C LEU B 322 4.05 -1.34 -6.66
N PRO B 323 4.06 -0.94 -7.94
CA PRO B 323 4.17 0.51 -8.17
C PRO B 323 2.84 1.18 -7.81
N TYR B 324 2.88 2.49 -7.53
CA TYR B 324 1.64 3.23 -7.34
C TYR B 324 0.80 3.07 -8.61
N ASN B 325 -0.52 3.07 -8.44
CA ASN B 325 -1.42 2.85 -9.56
C ASN B 325 -2.82 3.34 -9.17
N ASP B 326 -3.75 3.41 -10.12
CA ASP B 326 -5.12 3.94 -9.87
C ASP B 326 -5.95 3.13 -8.88
N TYR B 327 -5.55 1.89 -8.63
CA TYR B 327 -6.24 1.01 -7.71
C TYR B 327 -5.35 0.53 -6.57
N PHE B 328 -4.37 1.35 -6.22
CA PHE B 328 -3.37 0.97 -5.21
C PHE B 328 -3.97 0.41 -3.91
N GLU B 329 -5.00 1.06 -3.40
CA GLU B 329 -5.65 0.63 -2.16
C GLU B 329 -6.23 -0.80 -2.19
N TYR B 330 -6.53 -1.32 -3.37
CA TYR B 330 -7.14 -2.65 -3.47
C TYR B 330 -6.12 -3.71 -3.12
N PHE B 331 -4.83 -3.36 -3.17
CA PHE B 331 -3.76 -4.34 -2.94
C PHE B 331 -3.25 -4.37 -1.53
N GLY B 332 -3.92 -3.65 -0.64
CA GLY B 332 -3.60 -3.77 0.76
C GLY B 332 -3.86 -5.17 1.27
N PRO B 333 -3.36 -5.52 2.48
CA PRO B 333 -2.57 -4.65 3.36
C PRO B 333 -1.07 -4.64 3.05
N ASP B 334 -0.61 -5.52 2.17
CA ASP B 334 0.84 -5.71 1.89
C ASP B 334 1.36 -4.90 0.73
N PHE B 335 0.50 -4.59 -0.26
CA PHE B 335 0.92 -3.92 -1.51
C PHE B 335 2.10 -4.62 -2.21
N LYS B 336 2.02 -5.95 -2.25
CA LYS B 336 2.98 -6.81 -2.95
C LYS B 336 2.32 -7.47 -4.14
N LEU B 337 3.13 -7.75 -5.16
CA LEU B 337 2.67 -8.47 -6.35
C LEU B 337 2.31 -9.91 -6.03
N HIS B 338 3.19 -10.58 -5.29
CA HIS B 338 3.04 -12.00 -5.06
C HIS B 338 2.17 -12.29 -3.84
N ILE B 339 1.53 -13.46 -3.84
CA ILE B 339 0.64 -13.86 -2.76
C ILE B 339 1.15 -15.14 -2.09
N SER B 340 0.82 -15.30 -0.81
CA SER B 340 1.18 -16.49 -0.06
C SER B 340 0.06 -17.51 -0.11
N PRO B 341 0.39 -18.82 -0.05
CA PRO B 341 -0.70 -19.77 0.02
C PRO B 341 -1.37 -19.73 1.40
N SER B 342 -2.57 -20.29 1.50
CA SER B 342 -3.29 -20.36 2.77
C SER B 342 -2.95 -21.66 3.48
N ASN B 343 -3.49 -21.85 4.69
CA ASN B 343 -3.30 -23.07 5.44
C ASN B 343 -4.26 -24.22 5.05
N MET B 344 -5.08 -24.02 4.02
CA MET B 344 -6.02 -25.09 3.58
C MET B 344 -5.30 -26.41 3.28
N THR B 345 -5.93 -27.52 3.65
CA THR B 345 -5.40 -28.85 3.33
C THR B 345 -5.44 -29.12 1.84
N ASN B 346 -4.33 -29.65 1.31
CA ASN B 346 -4.26 -30.16 -0.02
C ASN B 346 -4.81 -31.61 -0.07
N GLN B 347 -6.01 -31.78 -0.65
CA GLN B 347 -6.62 -33.11 -0.76
C GLN B 347 -5.98 -34.01 -1.81
N ASN B 348 -5.14 -33.43 -2.67
CA ASN B 348 -4.47 -34.18 -3.73
C ASN B 348 -3.19 -34.76 -3.18
N THR B 349 -3.25 -36.03 -2.79
CA THR B 349 -2.09 -36.73 -2.25
C THR B 349 -1.03 -36.95 -3.32
N PRO B 350 0.24 -37.13 -2.92
CA PRO B 350 1.24 -37.40 -3.97
C PRO B 350 0.89 -38.63 -4.81
N GLU B 351 0.32 -39.66 -4.17
CA GLU B 351 -0.05 -40.90 -4.86
C GLU B 351 -1.19 -40.68 -5.84
N TYR B 352 -2.17 -39.87 -5.46
CA TYR B 352 -3.28 -39.58 -6.36
C TYR B 352 -2.71 -38.88 -7.62
N MET B 353 -1.90 -37.85 -7.41
CA MET B 353 -1.33 -37.07 -8.51
C MET B 353 -0.57 -37.96 -9.49
N GLU B 354 0.29 -38.83 -8.97
CA GLU B 354 1.10 -39.72 -9.83
C GLU B 354 0.26 -40.76 -10.55
N LYS B 355 -0.72 -41.33 -9.85
CA LYS B 355 -1.59 -42.31 -10.45
C LYS B 355 -2.40 -41.71 -11.61
N ILE B 356 -2.97 -40.52 -11.43
CA ILE B 356 -3.71 -39.87 -12.53
C ILE B 356 -2.75 -39.58 -13.69
N LYS B 357 -1.57 -39.04 -13.39
CA LYS B 357 -0.57 -38.71 -14.40
C LYS B 357 -0.18 -39.97 -15.19
N GLN B 358 0.02 -41.09 -14.49
CA GLN B 358 0.30 -42.34 -15.20
C GLN B 358 -0.84 -42.82 -16.08
N ARG B 359 -2.10 -42.70 -15.64
CA ARG B 359 -3.23 -42.99 -16.55
C ARG B 359 -3.23 -42.07 -17.79
N LEU B 360 -2.94 -40.78 -17.60
CA LEU B 360 -2.87 -39.86 -18.74
C LEU B 360 -1.72 -40.23 -19.68
N PHE B 361 -0.57 -40.59 -19.13
CA PHE B 361 0.54 -41.03 -19.95
C PHE B 361 0.16 -42.27 -20.79
N GLU B 362 -0.61 -43.19 -20.22
CA GLU B 362 -1.08 -44.36 -21.00
C GLU B 362 -1.90 -43.95 -22.22
N ASN B 363 -2.80 -42.98 -22.02
CA ASN B 363 -3.60 -42.45 -23.13
C ASN B 363 -2.75 -41.75 -24.17
N LEU B 364 -1.75 -41.00 -23.73
CA LEU B 364 -0.92 -40.25 -24.66
C LEU B 364 -0.07 -41.15 -25.55
N ARG B 365 0.33 -42.31 -25.02
CA ARG B 365 1.10 -43.30 -25.78
C ARG B 365 0.29 -43.92 -26.92
N MET B 366 -1.03 -43.79 -26.86
CA MET B 366 -1.94 -44.27 -27.92
C MET B 366 -1.95 -43.41 -29.20
N LEU B 367 -1.28 -42.25 -29.17
CA LEU B 367 -1.18 -41.41 -30.37
C LEU B 367 -0.15 -41.98 -31.35
N LYS C 2 7.85 -32.01 29.18
CA LYS C 2 6.73 -32.27 28.21
C LYS C 2 6.69 -31.27 27.05
N LYS C 3 7.04 -30.01 27.32
CA LYS C 3 7.08 -28.98 26.27
C LYS C 3 8.35 -29.11 25.41
N LYS C 4 8.15 -29.11 24.10
CA LYS C 4 9.23 -29.30 23.13
C LYS C 4 9.87 -27.98 22.69
N VAL C 5 11.20 -27.96 22.66
CA VAL C 5 11.96 -26.80 22.25
C VAL C 5 12.82 -27.15 21.04
N CYS C 6 12.69 -26.34 19.98
CA CYS C 6 13.58 -26.40 18.82
C CYS C 6 14.42 -25.13 18.81
N TYR C 7 15.70 -25.28 18.49
CA TYR C 7 16.68 -24.22 18.65
C TYR C 7 17.46 -24.05 17.36
N TYR C 8 17.58 -22.81 16.91
CA TYR C 8 18.22 -22.50 15.62
C TYR C 8 19.55 -21.80 15.78
N TYR C 9 20.58 -22.35 15.15
CA TYR C 9 21.91 -21.75 15.22
C TYR C 9 22.75 -22.13 14.00
N ASP C 10 23.50 -21.16 13.49
CA ASP C 10 24.47 -21.43 12.43
C ASP C 10 25.85 -21.00 12.88
N GLY C 11 26.76 -21.97 12.94
CA GLY C 11 28.14 -21.73 13.39
C GLY C 11 28.92 -20.59 12.73
N ASP C 12 28.46 -20.15 11.55
CA ASP C 12 29.08 -19.04 10.85
C ASP C 12 28.67 -17.67 11.42
N ILE C 13 27.56 -17.63 12.16
CA ILE C 13 26.99 -16.37 12.68
C ILE C 13 28.02 -15.53 13.43
N GLY C 14 28.82 -16.18 14.27
CA GLY C 14 29.82 -15.48 15.09
C GLY C 14 31.00 -14.90 14.33
N ASN C 15 31.09 -15.23 13.04
CA ASN C 15 32.20 -14.77 12.20
C ASN C 15 31.98 -13.43 11.49
N TYR C 16 30.76 -12.88 11.62
CA TYR C 16 30.46 -11.60 10.96
C TYR C 16 30.89 -10.43 11.83
N TYR C 17 31.51 -9.44 11.19
CA TYR C 17 32.16 -8.35 11.90
C TYR C 17 31.68 -6.97 11.43
N TYR C 18 31.06 -6.22 12.34
CA TYR C 18 30.53 -4.87 12.05
C TYR C 18 31.62 -3.79 11.80
N GLY C 19 32.83 -4.04 12.31
CA GLY C 19 33.92 -3.06 12.18
C GLY C 19 34.46 -2.68 13.54
N GLN C 20 35.68 -2.14 13.58
CA GLN C 20 36.31 -1.81 14.87
C GLN C 20 35.55 -0.74 15.63
N GLY C 21 35.22 -1.03 16.89
CA GLY C 21 34.54 -0.05 17.73
C GLY C 21 33.03 -0.10 17.65
N HIS C 22 32.50 -0.80 16.66
CA HIS C 22 31.06 -0.96 16.61
C HIS C 22 30.60 -1.94 17.74
N PRO C 23 29.65 -1.50 18.59
CA PRO C 23 29.18 -2.30 19.75
C PRO C 23 28.49 -3.64 19.43
N MET C 24 27.92 -3.78 18.24
CA MET C 24 27.27 -5.04 17.86
C MET C 24 28.32 -6.12 17.57
N LYS C 25 28.34 -7.13 18.42
CA LYS C 25 29.30 -8.24 18.33
C LYS C 25 28.58 -9.57 18.10
N PRO C 26 28.40 -9.99 16.81
CA PRO C 26 27.70 -11.26 16.53
C PRO C 26 28.32 -12.48 17.25
N HIS C 27 29.59 -12.37 17.61
CA HIS C 27 30.32 -13.37 18.40
C HIS C 27 29.57 -13.72 19.69
N ARG C 28 28.79 -12.77 20.21
CA ARG C 28 27.99 -13.02 21.42
C ARG C 28 26.99 -14.18 21.23
N ILE C 29 26.58 -14.46 19.98
CA ILE C 29 25.69 -15.59 19.70
C ILE C 29 26.47 -16.91 19.86
N ARG C 30 27.70 -16.93 19.37
CA ARG C 30 28.56 -18.11 19.50
C ARG C 30 28.83 -18.38 20.98
N MET C 31 29.14 -17.30 21.72
CA MET C 31 29.39 -17.38 23.15
C MET C 31 28.18 -17.98 23.86
N THR C 32 26.99 -17.47 23.50
CA THR C 32 25.72 -17.93 24.08
C THR C 32 25.62 -19.42 23.84
N HIS C 33 25.78 -19.81 22.57
CA HIS C 33 25.68 -21.19 22.13
C HIS C 33 26.63 -22.14 22.90
N ASN C 34 27.91 -21.77 22.94
CA ASN C 34 28.91 -22.60 23.59
C ASN C 34 28.60 -22.79 25.08
N LEU C 35 28.14 -21.72 25.73
CA LEU C 35 27.77 -21.76 27.15
C LEU C 35 26.61 -22.72 27.36
N LEU C 36 25.54 -22.52 26.58
CA LEU C 36 24.38 -23.42 26.53
C LEU C 36 24.77 -24.89 26.39
N LEU C 37 25.65 -25.19 25.44
CA LEU C 37 26.10 -26.55 25.18
C LEU C 37 26.79 -27.16 26.38
N ASN C 38 27.69 -26.39 27.00
CA ASN C 38 28.45 -26.86 28.16
C ASN C 38 27.60 -27.10 29.40
N TYR C 39 26.50 -26.36 29.52
CA TYR C 39 25.49 -26.62 30.54
C TYR C 39 24.71 -27.91 30.25
N GLY C 40 24.90 -28.45 29.04
CA GLY C 40 24.25 -29.69 28.63
C GLY C 40 22.82 -29.56 28.11
N LEU C 41 22.38 -28.34 27.85
CA LEU C 41 21.00 -28.05 27.41
C LEU C 41 20.63 -28.59 26.01
N TYR C 42 21.65 -28.92 25.21
CA TYR C 42 21.46 -29.54 23.90
C TYR C 42 20.84 -30.93 24.04
N ARG C 43 21.04 -31.54 25.20
CA ARG C 43 20.54 -32.87 25.48
C ARG C 43 19.01 -32.88 25.62
N LYS C 44 18.43 -31.69 25.78
CA LYS C 44 17.00 -31.56 26.07
C LYS C 44 16.20 -30.84 24.98
N MET C 45 16.86 -30.53 23.86
CA MET C 45 16.17 -29.82 22.77
C MET C 45 16.70 -30.19 21.37
N GLU C 46 15.87 -29.97 20.36
CA GLU C 46 16.26 -30.24 18.99
C GLU C 46 16.98 -29.01 18.44
N ILE C 47 18.24 -29.20 18.05
CA ILE C 47 19.06 -28.15 17.48
C ILE C 47 19.07 -28.28 15.95
N TYR C 48 18.76 -27.19 15.26
CA TYR C 48 18.73 -27.11 13.81
C TYR C 48 19.63 -26.02 13.26
N ARG C 49 20.28 -26.32 12.14
CA ARG C 49 20.98 -25.29 11.38
C ARG C 49 19.94 -24.69 10.42
N PRO C 50 19.70 -23.37 10.50
CA PRO C 50 18.61 -22.83 9.70
C PRO C 50 18.98 -22.62 8.22
N HIS C 51 18.00 -22.80 7.35
CA HIS C 51 18.13 -22.41 5.94
C HIS C 51 18.42 -20.91 5.88
N LYS C 52 19.26 -20.48 4.95
CA LYS C 52 19.38 -19.04 4.66
C LYS C 52 18.04 -18.53 4.10
N ALA C 53 17.56 -17.43 4.66
CA ALA C 53 16.40 -16.74 4.05
C ALA C 53 16.82 -16.18 2.69
N THR C 54 16.00 -16.40 1.68
CA THR C 54 16.31 -15.89 0.32
C THR C 54 15.92 -14.42 0.21
N ALA C 55 16.50 -13.75 -0.79
CA ALA C 55 16.16 -12.37 -1.12
C ALA C 55 14.66 -12.25 -1.38
N GLU C 56 14.11 -13.25 -2.09
CA GLU C 56 12.69 -13.29 -2.46
C GLU C 56 11.82 -13.26 -1.20
N GLU C 57 12.14 -14.12 -0.24
CA GLU C 57 11.47 -14.19 1.06
C GLU C 57 11.48 -12.83 1.77
N MET C 58 12.65 -12.17 1.79
CA MET C 58 12.78 -10.84 2.38
C MET C 58 11.85 -9.80 1.78
N THR C 59 11.64 -9.87 0.46
CA THR C 59 10.75 -8.92 -0.23
C THR C 59 9.27 -9.18 0.03
N LYS C 60 8.94 -10.20 0.84
CA LYS C 60 7.56 -10.31 1.35
C LYS C 60 7.25 -9.10 2.23
N TYR C 61 8.28 -8.47 2.81
CA TYR C 61 8.05 -7.24 3.58
C TYR C 61 8.86 -6.07 3.04
N HIS C 62 10.17 -6.28 2.89
CA HIS C 62 11.06 -5.20 2.42
C HIS C 62 10.92 -4.90 0.92
N SER C 63 11.23 -3.66 0.53
CA SER C 63 11.19 -3.31 -0.86
C SER C 63 12.30 -4.02 -1.64
N ASP C 64 12.03 -4.30 -2.91
CA ASP C 64 13.03 -4.91 -3.83
C ASP C 64 14.30 -4.08 -3.95
N GLU C 65 14.14 -2.77 -4.15
CA GLU C 65 15.27 -1.84 -4.29
C GLU C 65 16.17 -1.87 -3.07
N TYR C 66 15.56 -1.95 -1.88
CA TYR C 66 16.31 -2.06 -0.64
C TYR C 66 17.07 -3.39 -0.55
N ILE C 67 16.35 -4.49 -0.80
CA ILE C 67 16.98 -5.80 -0.70
C ILE C 67 18.07 -5.93 -1.77
N LYS C 68 17.80 -5.40 -2.95
CA LYS C 68 18.76 -5.46 -4.07
C LYS C 68 20.04 -4.70 -3.68
N PHE C 69 19.86 -3.56 -3.01
CA PHE C 69 20.97 -2.78 -2.45
C PHE C 69 21.76 -3.61 -1.44
N LEU C 70 21.06 -4.23 -0.50
CA LEU C 70 21.75 -5.02 0.54
C LEU C 70 22.57 -6.17 -0.04
N ARG C 71 22.07 -6.76 -1.13
CA ARG C 71 22.74 -7.84 -1.85
C ARG C 71 23.95 -7.32 -2.62
N SER C 72 23.92 -6.06 -3.01
CA SER C 72 24.88 -5.47 -3.94
C SER C 72 26.03 -4.72 -3.29
N ILE C 73 25.74 -4.04 -2.19
CA ILE C 73 26.74 -3.20 -1.54
C ILE C 73 27.91 -3.99 -0.92
N ARG C 74 29.13 -3.50 -1.16
CA ARG C 74 30.37 -4.10 -0.65
C ARG C 74 31.27 -3.00 -0.06
N PRO C 75 32.13 -3.33 0.92
CA PRO C 75 33.01 -2.24 1.37
C PRO C 75 33.75 -1.52 0.22
N ASP C 76 34.08 -2.23 -0.85
CA ASP C 76 34.91 -1.66 -1.92
C ASP C 76 34.16 -0.94 -3.05
N ASN C 77 32.83 -0.89 -2.96
CA ASN C 77 32.01 -0.24 -3.99
C ASN C 77 31.11 0.89 -3.50
N MET C 78 31.23 1.24 -2.22
CA MET C 78 30.41 2.30 -1.59
C MET C 78 30.35 3.62 -2.38
N SER C 79 31.42 3.92 -3.11
CA SER C 79 31.53 5.14 -3.93
C SER C 79 30.39 5.25 -4.94
N GLU C 80 30.05 4.11 -5.54
CA GLU C 80 29.02 4.00 -6.56
C GLU C 80 27.62 4.12 -5.98
N TYR C 81 27.49 3.95 -4.66
CA TYR C 81 26.17 3.82 -4.00
C TYR C 81 25.80 4.90 -2.98
N SER C 82 26.46 6.06 -3.01
CA SER C 82 26.22 7.10 -1.99
C SER C 82 24.75 7.56 -1.88
N LYS C 83 24.05 7.67 -3.01
CA LYS C 83 22.63 8.02 -3.00
C LYS C 83 21.76 6.93 -2.37
N GLN C 84 22.03 5.68 -2.73
CA GLN C 84 21.38 4.50 -2.16
C GLN C 84 21.63 4.41 -0.64
N MET C 85 22.87 4.68 -0.25
CA MET C 85 23.27 4.63 1.15
C MET C 85 22.53 5.65 1.98
N GLN C 86 22.27 6.82 1.39
CA GLN C 86 21.48 7.84 2.06
C GLN C 86 20.01 7.44 2.06
N ARG C 87 19.53 6.91 0.93
CA ARG C 87 18.14 6.47 0.86
C ARG C 87 17.83 5.42 1.92
N PHE C 88 18.72 4.45 2.05
CA PHE C 88 18.46 3.27 2.89
C PHE C 88 19.14 3.29 4.26
N ASN C 89 19.77 4.42 4.63
CA ASN C 89 20.43 4.61 5.94
C ASN C 89 21.54 3.58 6.26
N VAL C 90 22.35 3.25 5.25
CA VAL C 90 23.46 2.31 5.42
C VAL C 90 24.78 3.07 5.24
N GLY C 91 25.77 2.79 6.11
CA GLY C 91 27.08 3.44 6.05
C GLY C 91 27.60 3.99 7.36
N GLU C 92 26.70 4.26 8.31
CA GLU C 92 27.11 4.83 9.58
C GLU C 92 26.87 3.86 10.72
N ASP C 93 25.76 4.03 11.43
CA ASP C 93 25.41 3.14 12.53
C ASP C 93 25.07 1.73 12.03
N CYS C 94 24.67 1.65 10.76
CA CYS C 94 24.42 0.38 10.09
C CYS C 94 25.48 0.27 8.97
N PRO C 95 26.71 -0.13 9.34
CA PRO C 95 27.82 -0.14 8.35
C PRO C 95 27.70 -1.21 7.25
N VAL C 96 28.48 -0.99 6.20
CA VAL C 96 28.73 -1.98 5.15
C VAL C 96 29.93 -2.82 5.61
N PHE C 97 29.72 -4.13 5.73
CA PHE C 97 30.80 -5.06 6.08
C PHE C 97 30.72 -6.31 5.21
N ASP C 98 31.84 -7.03 5.09
CA ASP C 98 31.90 -8.26 4.30
C ASP C 98 30.87 -9.28 4.78
N GLY C 99 30.06 -9.79 3.86
CA GLY C 99 29.11 -10.83 4.20
C GLY C 99 27.86 -10.29 4.89
N LEU C 100 27.66 -8.96 4.78
CA LEU C 100 26.46 -8.30 5.33
C LEU C 100 25.17 -9.03 4.94
N PHE C 101 25.05 -9.37 3.66
CA PHE C 101 23.81 -9.97 3.17
C PHE C 101 23.59 -11.36 3.73
N GLU C 102 24.64 -12.17 3.75
CA GLU C 102 24.54 -13.52 4.33
C GLU C 102 24.22 -13.46 5.84
N PHE C 103 24.81 -12.47 6.53
CA PHE C 103 24.47 -12.22 7.92
C PHE C 103 22.94 -12.01 8.06
N CYS C 104 22.36 -11.21 7.17
CA CYS C 104 20.91 -10.99 7.14
C CYS C 104 20.13 -12.30 6.93
N GLN C 105 20.61 -13.09 5.96
CA GLN C 105 20.01 -14.37 5.59
C GLN C 105 19.98 -15.37 6.74
N LEU C 106 21.10 -15.43 7.46
CA LEU C 106 21.25 -16.34 8.60
C LEU C 106 20.39 -15.97 9.80
N SER C 107 20.39 -14.71 10.19
CA SER C 107 19.59 -14.28 11.35
C SER C 107 18.09 -14.36 11.07
N THR C 108 17.71 -14.12 9.82
CA THR C 108 16.30 -14.19 9.40
C THR C 108 15.80 -15.62 9.22
N GLY C 109 16.64 -16.45 8.58
CA GLY C 109 16.35 -17.86 8.36
C GLY C 109 15.95 -18.58 9.63
N GLY C 110 16.68 -18.32 10.71
CA GLY C 110 16.38 -18.91 12.00
C GLY C 110 14.97 -18.56 12.46
N SER C 111 14.60 -17.28 12.30
CA SER C 111 13.31 -16.79 12.78
C SER C 111 12.14 -17.36 11.98
N VAL C 112 12.26 -17.35 10.66
CA VAL C 112 11.23 -17.92 9.78
C VAL C 112 11.11 -19.46 9.93
N ALA C 113 12.25 -20.15 10.06
CA ALA C 113 12.25 -21.61 10.27
C ALA C 113 11.48 -21.96 11.54
N GLY C 114 11.72 -21.19 12.60
CA GLY C 114 11.01 -21.33 13.87
C GLY C 114 9.49 -21.19 13.70
N ALA C 115 9.07 -20.14 12.99
CA ALA C 115 7.66 -19.92 12.69
C ALA C 115 7.04 -21.11 11.95
N VAL C 116 7.74 -21.60 10.93
CA VAL C 116 7.28 -22.73 10.14
C VAL C 116 7.10 -23.96 11.04
N LYS C 117 8.07 -24.18 11.93
CA LYS C 117 8.04 -25.32 12.84
C LYS C 117 6.83 -25.24 13.79
N LEU C 118 6.53 -24.03 14.23
CA LEU C 118 5.36 -23.78 15.08
C LEU C 118 4.08 -23.94 14.26
N ASN C 119 4.07 -23.42 13.03
CA ASN C 119 2.91 -23.61 12.14
C ASN C 119 2.56 -25.10 11.92
N ARG C 120 3.59 -25.94 11.79
CA ARG C 120 3.42 -27.37 11.55
C ARG C 120 3.07 -28.16 12.81
N GLN C 121 2.93 -27.45 13.93
CA GLN C 121 2.67 -28.04 15.25
C GLN C 121 3.72 -29.11 15.60
N GLN C 122 4.97 -28.88 15.19
CA GLN C 122 6.07 -29.82 15.44
C GLN C 122 6.91 -29.46 16.66
N THR C 123 6.57 -28.34 17.31
CA THR C 123 7.28 -27.89 18.50
C THR C 123 6.37 -26.95 19.28
N ASP C 124 6.71 -26.74 20.54
CA ASP C 124 5.96 -25.85 21.40
C ASP C 124 6.65 -24.50 21.49
N MET C 125 7.99 -24.54 21.44
CA MET C 125 8.82 -23.35 21.48
C MET C 125 9.89 -23.45 20.42
N ALA C 126 10.12 -22.35 19.73
CA ALA C 126 11.26 -22.22 18.82
C ALA C 126 12.14 -21.05 19.26
N VAL C 127 13.45 -21.24 19.17
CA VAL C 127 14.42 -20.27 19.67
C VAL C 127 15.43 -19.89 18.61
N ASN C 128 15.60 -18.58 18.42
CA ASN C 128 16.60 -18.03 17.51
C ASN C 128 17.27 -16.79 18.10
N TRP C 129 18.36 -17.01 18.85
CA TRP C 129 19.04 -15.90 19.52
C TRP C 129 19.73 -14.92 18.56
N ALA C 130 20.00 -15.36 17.33
CA ALA C 130 20.54 -14.47 16.29
C ALA C 130 19.49 -13.49 15.74
N GLY C 131 18.20 -13.73 16.01
CA GLY C 131 17.15 -12.86 15.49
C GLY C 131 16.75 -11.72 16.41
N GLY C 132 15.56 -11.15 16.17
CA GLY C 132 15.02 -10.02 16.94
C GLY C 132 15.45 -8.62 16.48
N LEU C 133 15.71 -8.47 15.18
CA LEU C 133 16.19 -7.22 14.61
C LEU C 133 15.05 -6.21 14.43
N HIS C 134 14.59 -5.66 15.55
CA HIS C 134 13.27 -5.01 15.57
C HIS C 134 13.18 -3.62 14.94
N HIS C 135 14.35 -3.03 14.66
CA HIS C 135 14.44 -1.67 14.09
C HIS C 135 14.34 -1.58 12.57
N ALA C 136 14.66 -2.66 11.85
CA ALA C 136 14.66 -2.59 10.39
C ALA C 136 13.25 -2.28 9.84
N LYS C 137 13.21 -1.38 8.85
CA LYS C 137 11.92 -1.00 8.23
C LYS C 137 11.87 -1.49 6.77
N LYS C 138 10.74 -1.24 6.10
CA LYS C 138 10.50 -1.71 4.75
C LYS C 138 11.70 -1.38 3.84
N SER C 139 12.15 -0.13 3.85
CA SER C 139 13.25 0.26 2.95
C SER C 139 14.26 1.12 3.67
N GLU C 140 14.61 0.74 4.89
CA GLU C 140 15.57 1.48 5.70
C GLU C 140 16.18 0.61 6.78
N ALA C 141 17.52 0.56 6.80
CA ALA C 141 18.27 0.00 7.93
C ALA C 141 18.20 1.01 9.06
N SER C 142 18.28 0.51 10.28
CA SER C 142 18.14 1.33 11.45
C SER C 142 18.68 0.61 12.69
N GLY C 143 19.44 1.33 13.51
CA GLY C 143 19.89 0.81 14.82
C GLY C 143 20.58 -0.55 14.75
N PHE C 144 21.47 -0.72 13.75
CA PHE C 144 22.27 -1.94 13.58
C PHE C 144 21.48 -3.07 12.89
N CYS C 145 20.19 -2.82 12.60
CA CYS C 145 19.30 -3.80 11.99
C CYS C 145 19.11 -3.53 10.51
N TYR C 146 19.23 -4.56 9.67
CA TYR C 146 19.04 -4.37 8.22
C TYR C 146 17.77 -5.04 7.70
N VAL C 147 17.50 -6.26 8.15
CA VAL C 147 16.35 -7.03 7.68
C VAL C 147 15.51 -7.40 8.89
N ASN C 148 14.21 -7.18 8.81
CA ASN C 148 13.36 -7.41 9.96
C ASN C 148 12.83 -8.82 9.98
N ASP C 149 13.62 -9.69 10.62
CA ASP C 149 13.30 -11.12 10.72
C ASP C 149 12.00 -11.36 11.51
N ILE C 150 11.72 -10.49 12.49
CA ILE C 150 10.53 -10.66 13.34
C ILE C 150 9.26 -10.54 12.47
N VAL C 151 9.20 -9.46 11.70
CA VAL C 151 8.07 -9.20 10.81
C VAL C 151 7.90 -10.36 9.84
N LEU C 152 9.01 -10.81 9.25
CA LEU C 152 8.98 -11.99 8.34
C LEU C 152 8.46 -13.28 9.03
N ALA C 153 8.92 -13.53 10.26
CA ALA C 153 8.46 -14.66 11.05
C ALA C 153 6.97 -14.51 11.37
N ILE C 154 6.56 -13.27 11.71
CA ILE C 154 5.17 -13.02 12.06
C ILE C 154 4.26 -13.20 10.82
N LEU C 155 4.72 -12.75 9.65
CA LEU C 155 3.95 -12.97 8.42
C LEU C 155 3.74 -14.48 8.18
N GLU C 156 4.80 -15.27 8.43
CA GLU C 156 4.69 -16.72 8.30
C GLU C 156 3.66 -17.27 9.31
N LEU C 157 3.74 -16.83 10.55
CA LEU C 157 2.82 -17.28 11.59
C LEU C 157 1.37 -16.96 11.27
N LEU C 158 1.12 -15.83 10.61
CA LEU C 158 -0.25 -15.42 10.27
C LEU C 158 -0.95 -16.30 9.24
N LYS C 159 -0.20 -17.17 8.56
CA LYS C 159 -0.82 -18.14 7.63
C LYS C 159 -1.67 -19.18 8.39
N TYR C 160 -1.27 -19.45 9.63
CA TYR C 160 -1.91 -20.47 10.47
C TYR C 160 -2.54 -19.90 11.73
N HIS C 161 -2.19 -18.68 12.06
CA HIS C 161 -2.65 -18.07 13.28
C HIS C 161 -3.43 -16.80 13.00
N GLN C 162 -4.66 -16.78 13.50
CA GLN C 162 -5.51 -15.62 13.40
C GLN C 162 -4.94 -14.40 14.15
N ARG C 163 -4.49 -14.60 15.38
CA ARG C 163 -3.99 -13.52 16.23
C ARG C 163 -2.62 -13.91 16.77
N VAL C 164 -1.64 -13.04 16.49
CA VAL C 164 -0.28 -13.23 16.99
C VAL C 164 0.06 -12.08 17.94
N LEU C 165 0.55 -12.42 19.13
CA LEU C 165 0.98 -11.40 20.08
C LEU C 165 2.51 -11.24 20.02
N TYR C 166 2.95 -10.00 19.88
CA TYR C 166 4.38 -9.65 19.92
C TYR C 166 4.73 -8.89 21.20
N ILE C 167 5.69 -9.40 21.96
CA ILE C 167 6.15 -8.76 23.20
C ILE C 167 7.65 -8.46 23.08
N ASP C 168 8.05 -7.28 23.54
CA ASP C 168 9.39 -6.75 23.26
C ASP C 168 10.01 -6.18 24.55
N ILE C 169 10.96 -6.91 25.14
CA ILE C 169 11.59 -6.48 26.41
C ILE C 169 13.00 -5.93 26.22
N ASP C 170 13.35 -5.71 24.95
CA ASP C 170 14.57 -4.97 24.55
C ASP C 170 14.46 -3.58 25.19
N ILE C 171 15.59 -2.95 25.51
CA ILE C 171 15.52 -1.62 26.12
C ILE C 171 14.94 -0.58 25.16
N HIS C 172 15.05 -0.85 23.86
CA HIS C 172 14.58 0.09 22.84
C HIS C 172 13.18 -0.27 22.35
N HIS C 173 12.43 0.75 21.93
CA HIS C 173 11.12 0.55 21.34
C HIS C 173 11.25 -0.30 20.07
N GLY C 174 10.37 -1.30 19.97
CA GLY C 174 10.32 -2.17 18.79
C GLY C 174 9.54 -1.52 17.67
N ASP C 175 10.10 -0.44 17.14
CA ASP C 175 9.46 0.41 16.13
C ASP C 175 9.22 -0.22 14.76
N GLY C 176 10.19 -0.98 14.24
CA GLY C 176 10.04 -1.66 12.93
C GLY C 176 8.86 -2.63 12.98
N VAL C 177 8.74 -3.36 14.08
CA VAL C 177 7.69 -4.36 14.20
C VAL C 177 6.36 -3.64 14.38
N GLU C 178 6.33 -2.62 15.24
CA GLU C 178 5.10 -1.85 15.52
C GLU C 178 4.55 -1.20 14.25
N GLU C 179 5.47 -0.62 13.48
CA GLU C 179 5.13 0.05 12.23
C GLU C 179 4.50 -0.94 11.24
N ALA C 180 5.12 -2.11 11.09
CA ALA C 180 4.62 -3.12 10.15
C ALA C 180 3.15 -3.48 10.41
N PHE C 181 2.78 -3.63 11.68
CA PHE C 181 1.44 -4.12 12.03
C PHE C 181 0.60 -3.05 12.68
N TYR C 182 0.95 -1.79 12.44
CA TYR C 182 0.30 -0.68 13.14
C TYR C 182 -1.22 -0.60 12.90
N THR C 183 -1.64 -1.01 11.70
CA THR C 183 -3.03 -0.82 11.30
C THR C 183 -3.80 -2.14 11.21
N THR C 184 -3.22 -3.20 11.79
CA THR C 184 -3.92 -4.49 11.83
C THR C 184 -4.23 -4.95 13.25
N ASP C 185 -5.41 -5.55 13.43
CA ASP C 185 -5.73 -6.19 14.72
C ASP C 185 -5.26 -7.65 14.81
N ARG C 186 -4.67 -8.15 13.72
CA ARG C 186 -4.20 -9.54 13.70
C ARG C 186 -2.83 -9.71 14.35
N VAL C 187 -2.18 -8.58 14.62
CA VAL C 187 -0.93 -8.58 15.39
C VAL C 187 -1.02 -7.46 16.42
N MET C 188 -0.90 -7.82 17.68
CA MET C 188 -0.80 -6.84 18.76
C MET C 188 0.65 -6.75 19.18
N THR C 189 1.17 -5.52 19.29
CA THR C 189 2.56 -5.31 19.67
C THR C 189 2.61 -4.61 21.02
N VAL C 190 3.44 -5.15 21.91
CA VAL C 190 3.56 -4.65 23.26
C VAL C 190 5.05 -4.41 23.53
N SER C 191 5.42 -3.16 23.74
CA SER C 191 6.81 -2.84 23.97
C SER C 191 7.05 -2.05 25.26
N PHE C 192 7.99 -2.55 26.04
CA PHE C 192 8.49 -1.89 27.26
C PHE C 192 9.88 -1.36 26.89
N HIS C 193 10.12 -0.08 27.13
CA HIS C 193 11.38 0.55 26.62
C HIS C 193 11.67 1.89 27.24
N LYS C 194 12.96 2.24 27.28
CA LYS C 194 13.42 3.55 27.68
C LYS C 194 12.91 4.58 26.67
N TYR C 195 12.45 5.72 27.16
CA TYR C 195 11.81 6.70 26.30
C TYR C 195 12.21 8.08 26.79
N GLY C 196 12.50 8.97 25.85
CA GLY C 196 12.89 10.34 26.17
C GLY C 196 14.34 10.59 25.82
N GLU C 197 14.58 11.35 24.75
CA GLU C 197 15.95 11.66 24.30
C GLU C 197 16.77 10.36 24.16
N TYR C 198 16.17 9.37 23.49
CA TYR C 198 16.76 8.05 23.38
C TYR C 198 16.25 7.36 22.11
N PHE C 199 17.14 6.59 21.48
CA PHE C 199 16.84 5.88 20.25
C PHE C 199 15.67 4.91 20.45
N PRO C 200 14.79 4.79 19.44
CA PRO C 200 14.77 5.57 18.20
C PRO C 200 13.95 6.87 18.30
N GLY C 201 13.27 7.08 19.42
CA GLY C 201 12.50 8.32 19.61
C GLY C 201 11.00 8.12 19.52
N THR C 202 10.60 6.88 19.31
CA THR C 202 9.17 6.54 19.18
C THR C 202 8.70 5.70 20.38
N GLY C 203 7.49 5.19 20.30
CA GLY C 203 6.93 4.37 21.38
C GLY C 203 6.37 5.18 22.52
N ASP C 204 5.75 6.30 22.17
CA ASP C 204 5.07 7.14 23.14
C ASP C 204 3.84 6.40 23.69
N LEU C 205 3.52 6.64 24.96
CA LEU C 205 2.28 6.18 25.56
C LEU C 205 1.06 6.34 24.61
N ARG C 206 1.01 7.46 23.90
CA ARG C 206 -0.12 7.78 23.00
C ARG C 206 -0.20 6.96 21.70
N ASP C 207 0.88 6.24 21.37
CA ASP C 207 0.92 5.48 20.13
C ASP C 207 0.23 4.14 20.34
N ILE C 208 -1.04 4.08 19.95
CA ILE C 208 -1.90 2.92 20.25
C ILE C 208 -2.35 2.14 19.02
N GLY C 209 -1.88 2.53 17.83
CA GLY C 209 -2.30 1.88 16.58
C GLY C 209 -3.31 2.73 15.82
N ALA C 210 -3.68 2.31 14.61
CA ALA C 210 -4.64 3.05 13.77
C ALA C 210 -5.57 2.09 12.99
N GLY C 211 -6.67 2.62 12.49
CA GLY C 211 -7.63 1.82 11.72
C GLY C 211 -8.10 0.63 12.54
N LYS C 212 -8.12 -0.55 11.95
CA LYS C 212 -8.45 -1.79 12.65
C LYS C 212 -7.48 -2.09 13.82
N GLY C 213 -6.24 -1.62 13.72
CA GLY C 213 -5.24 -1.88 14.73
C GLY C 213 -5.24 -0.88 15.88
N LYS C 214 -6.20 0.05 15.89
CA LYS C 214 -6.31 1.02 16.99
C LYS C 214 -6.59 0.26 18.30
N TYR C 215 -5.76 0.53 19.31
CA TYR C 215 -5.71 -0.18 20.59
C TYR C 215 -4.94 -1.53 20.54
N TYR C 216 -4.42 -1.90 19.36
CA TYR C 216 -3.61 -3.12 19.26
C TYR C 216 -2.11 -2.85 19.24
N ALA C 217 -1.72 -1.63 19.58
CA ALA C 217 -0.32 -1.29 19.80
C ALA C 217 -0.25 -0.78 21.23
N VAL C 218 0.71 -1.32 22.00
CA VAL C 218 0.87 -1.02 23.41
C VAL C 218 2.30 -0.57 23.68
N ASN C 219 2.43 0.59 24.30
CA ASN C 219 3.75 1.13 24.66
C ASN C 219 3.86 1.54 26.13
N PHE C 220 4.87 1.01 26.80
CA PHE C 220 5.19 1.40 28.18
C PHE C 220 6.56 2.11 28.19
N PRO C 221 6.56 3.46 28.08
CA PRO C 221 7.79 4.24 28.12
C PRO C 221 8.33 4.32 29.56
N MET C 222 9.63 4.15 29.70
CA MET C 222 10.28 4.09 31.01
C MET C 222 11.47 5.06 31.07
N ARG C 223 11.85 5.44 32.27
CA ARG C 223 13.04 6.26 32.47
C ARG C 223 14.19 5.35 32.90
N ASP C 224 15.38 5.91 33.08
CA ASP C 224 16.56 5.14 33.47
C ASP C 224 16.41 4.39 34.79
N GLY C 225 17.12 3.28 34.88
CA GLY C 225 17.37 2.64 36.16
C GLY C 225 16.31 1.71 36.68
N ILE C 226 15.32 1.36 35.84
CA ILE C 226 14.27 0.46 36.32
C ILE C 226 14.92 -0.84 36.78
N ASP C 227 14.38 -1.39 37.86
CA ASP C 227 14.95 -2.58 38.50
C ASP C 227 14.02 -3.78 38.41
N ASP C 228 14.52 -4.93 38.87
CA ASP C 228 13.79 -6.21 38.82
C ASP C 228 12.37 -6.14 39.37
N GLU C 229 12.23 -5.53 40.56
CA GLU C 229 10.92 -5.48 41.22
C GLU C 229 9.91 -4.56 40.49
N SER C 230 10.37 -3.37 40.09
CA SER C 230 9.52 -2.39 39.40
C SER C 230 9.02 -2.95 38.09
N TYR C 231 9.94 -3.57 37.34
CA TYR C 231 9.66 -4.12 36.01
C TYR C 231 8.69 -5.30 36.07
N GLY C 232 8.96 -6.25 36.96
CA GLY C 232 8.10 -7.41 37.17
C GLY C 232 6.68 -7.02 37.59
N GLN C 233 6.57 -6.00 38.44
CA GLN C 233 5.25 -5.55 38.94
C GLN C 233 4.41 -4.89 37.84
N ILE C 234 5.08 -4.51 36.76
CA ILE C 234 4.44 -3.92 35.59
C ILE C 234 4.20 -4.99 34.50
N PHE C 235 5.22 -5.82 34.27
CA PHE C 235 5.19 -6.83 33.22
C PHE C 235 4.06 -7.84 33.40
N LYS C 236 4.04 -8.55 34.52
CA LYS C 236 3.02 -9.59 34.73
C LYS C 236 1.55 -9.08 34.60
N PRO C 237 1.19 -7.97 35.30
CA PRO C 237 -0.21 -7.47 35.17
C PRO C 237 -0.59 -7.03 33.74
N ILE C 238 0.29 -6.31 33.05
CA ILE C 238 -0.03 -5.85 31.69
C ILE C 238 -0.22 -7.05 30.75
N ILE C 239 0.74 -7.97 30.77
CA ILE C 239 0.71 -9.15 29.89
C ILE C 239 -0.47 -10.08 30.18
N SER C 240 -0.77 -10.31 31.46
CA SER C 240 -1.98 -11.03 31.86
C SER C 240 -3.24 -10.39 31.28
N LYS C 241 -3.36 -9.08 31.44
CA LYS C 241 -4.50 -8.35 30.88
C LYS C 241 -4.53 -8.49 29.33
N VAL C 242 -3.35 -8.36 28.70
CA VAL C 242 -3.26 -8.48 27.23
C VAL C 242 -3.72 -9.87 26.78
N MET C 243 -3.27 -10.91 27.49
CA MET C 243 -3.64 -12.29 27.15
C MET C 243 -5.16 -12.47 27.26
N GLU C 244 -5.72 -11.92 28.35
CA GLU C 244 -7.15 -11.97 28.64
C GLU C 244 -7.99 -11.34 27.53
N MET C 245 -7.60 -10.13 27.13
CA MET C 245 -8.38 -9.34 26.18
C MET C 245 -8.14 -9.73 24.72
N TYR C 246 -6.89 -10.04 24.38
CA TYR C 246 -6.53 -10.34 22.99
C TYR C 246 -6.60 -11.81 22.61
N GLN C 247 -6.37 -12.71 23.58
CA GLN C 247 -6.50 -14.15 23.33
C GLN C 247 -5.74 -14.62 22.07
N PRO C 248 -4.39 -14.41 22.05
CA PRO C 248 -3.64 -14.76 20.82
C PRO C 248 -3.54 -16.27 20.63
N SER C 249 -3.27 -16.75 19.41
CA SER C 249 -2.99 -18.18 19.24
C SER C 249 -1.50 -18.49 19.10
N ALA C 250 -0.68 -17.45 18.96
CA ALA C 250 0.78 -17.59 18.96
C ALA C 250 1.44 -16.33 19.55
N VAL C 251 2.66 -16.47 20.05
CA VAL C 251 3.33 -15.38 20.74
C VAL C 251 4.78 -15.31 20.23
N VAL C 252 5.25 -14.09 19.99
CA VAL C 252 6.66 -13.84 19.64
C VAL C 252 7.25 -12.94 20.72
N LEU C 253 8.32 -13.41 21.38
CA LEU C 253 8.92 -12.65 22.46
C LEU C 253 10.34 -12.26 22.06
N GLN C 254 10.57 -10.96 21.92
CA GLN C 254 11.89 -10.45 21.60
C GLN C 254 12.58 -10.22 22.93
N CYS C 255 13.71 -10.91 23.13
CA CYS C 255 14.42 -10.94 24.42
C CYS C 255 15.69 -10.10 24.45
N GLY C 256 15.63 -8.92 23.82
CA GLY C 256 16.82 -8.04 23.74
C GLY C 256 17.45 -7.90 25.10
N ALA C 257 18.74 -8.20 25.20
CA ALA C 257 19.41 -8.19 26.49
C ALA C 257 20.10 -6.88 26.85
N ASP C 258 19.84 -5.82 26.07
CA ASP C 258 20.38 -4.49 26.40
C ASP C 258 19.59 -3.78 27.51
N SER C 259 18.55 -4.46 28.02
CA SER C 259 17.78 -4.01 29.19
C SER C 259 18.39 -4.51 30.51
N LEU C 260 19.56 -5.15 30.42
CA LEU C 260 20.28 -5.64 31.59
C LEU C 260 21.18 -4.59 32.25
N SER C 261 21.24 -4.68 33.58
CA SER C 261 22.17 -3.91 34.36
C SER C 261 23.55 -4.08 33.76
N GLY C 262 24.30 -2.98 33.69
CA GLY C 262 25.67 -3.07 33.16
C GLY C 262 25.77 -3.12 31.66
N ASP C 263 24.65 -3.06 30.93
CA ASP C 263 24.77 -3.03 29.46
C ASP C 263 25.57 -1.83 28.99
N ARG C 264 26.50 -2.06 28.06
CA ARG C 264 27.30 -0.98 27.48
C ARG C 264 26.46 0.19 26.96
N LEU C 265 25.34 -0.10 26.31
CA LEU C 265 24.52 0.94 25.70
C LEU C 265 23.23 1.27 26.47
N GLY C 266 22.76 0.32 27.29
CA GLY C 266 21.49 0.48 27.99
C GLY C 266 21.60 1.20 29.34
N CYS C 267 20.46 1.61 29.87
CA CYS C 267 20.42 2.35 31.12
C CYS C 267 19.39 1.77 32.11
N PHE C 268 19.08 0.48 31.96
CA PHE C 268 18.18 -0.22 32.89
C PHE C 268 19.01 -0.95 33.96
N ASN C 269 18.35 -1.50 34.97
CA ASN C 269 19.02 -2.19 36.08
C ASN C 269 18.42 -3.58 36.36
N LEU C 270 18.16 -4.35 35.29
CA LEU C 270 17.60 -5.70 35.44
C LEU C 270 18.71 -6.73 35.57
N THR C 271 18.47 -7.78 36.36
CA THR C 271 19.42 -8.89 36.43
C THR C 271 18.95 -9.93 35.43
N VAL C 272 19.69 -11.02 35.33
CA VAL C 272 19.30 -12.11 34.43
C VAL C 272 17.99 -12.75 34.93
N LYS C 273 17.83 -12.84 36.25
CA LYS C 273 16.62 -13.41 36.84
C LYS C 273 15.44 -12.51 36.55
N GLY C 274 15.65 -11.21 36.67
CA GLY C 274 14.63 -10.23 36.38
C GLY C 274 14.22 -10.26 34.92
N HIS C 275 15.21 -10.33 34.04
CA HIS C 275 14.94 -10.38 32.61
C HIS C 275 14.17 -11.68 32.30
N ALA C 276 14.65 -12.81 32.82
CA ALA C 276 14.08 -14.15 32.54
C ALA C 276 12.68 -14.41 33.09
N LYS C 277 12.31 -13.66 34.13
CA LYS C 277 10.96 -13.71 34.70
C LYS C 277 9.89 -13.42 33.62
N CYS C 278 10.27 -12.58 32.66
CA CYS C 278 9.39 -12.27 31.53
C CYS C 278 9.12 -13.51 30.69
N VAL C 279 10.17 -14.29 30.45
CA VAL C 279 10.02 -15.57 29.76
C VAL C 279 9.12 -16.55 30.56
N GLU C 280 9.35 -16.66 31.87
CA GLU C 280 8.55 -17.56 32.74
C GLU C 280 7.06 -17.19 32.65
N VAL C 281 6.79 -15.90 32.85
CA VAL C 281 5.44 -15.35 32.76
C VAL C 281 4.73 -15.67 31.44
N VAL C 282 5.42 -15.47 30.32
CA VAL C 282 4.84 -15.73 28.99
C VAL C 282 4.56 -17.23 28.75
N LYS C 283 5.48 -18.07 29.23
CA LYS C 283 5.33 -19.54 29.19
C LYS C 283 4.05 -20.06 29.87
N THR C 284 3.64 -19.41 30.96
CA THR C 284 2.51 -19.86 31.77
C THR C 284 1.22 -19.92 30.96
N PHE C 285 1.20 -19.25 29.81
CA PHE C 285 -0.03 -19.17 29.00
C PHE C 285 -0.18 -20.33 28.01
N ASN C 286 0.86 -21.18 27.94
CA ASN C 286 0.82 -22.44 27.18
C ASN C 286 0.51 -22.29 25.68
N LEU C 287 0.96 -21.17 25.11
CA LEU C 287 0.76 -20.88 23.69
C LEU C 287 2.04 -21.10 22.90
N PRO C 288 1.90 -21.51 21.62
CA PRO C 288 3.09 -21.62 20.75
C PRO C 288 3.95 -20.35 20.87
N LEU C 289 5.25 -20.53 21.04
CA LEU C 289 6.11 -19.40 21.37
C LEU C 289 7.41 -19.36 20.58
N LEU C 290 7.65 -18.25 19.89
CA LEU C 290 8.90 -18.00 19.20
C LEU C 290 9.72 -17.02 20.04
N MET C 291 10.88 -17.47 20.51
CA MET C 291 11.75 -16.65 21.34
C MET C 291 12.96 -16.22 20.53
N LEU C 292 13.23 -14.91 20.55
CA LEU C 292 14.22 -14.28 19.69
C LEU C 292 15.19 -13.45 20.50
N GLY C 293 16.37 -13.18 19.94
CA GLY C 293 17.37 -12.33 20.61
C GLY C 293 17.06 -10.86 20.42
N GLY C 294 18.10 -10.04 20.28
CA GLY C 294 17.93 -8.59 20.16
C GLY C 294 19.21 -7.86 20.56
N GLY C 295 19.06 -6.69 21.18
CA GLY C 295 20.20 -5.93 21.67
C GLY C 295 20.96 -6.67 22.75
N GLY C 296 22.08 -6.08 23.16
CA GLY C 296 22.92 -6.64 24.22
C GLY C 296 24.37 -6.37 23.87
N TYR C 297 25.02 -5.50 24.64
CA TYR C 297 26.35 -4.99 24.29
C TYR C 297 27.46 -5.30 25.31
N THR C 298 27.06 -5.84 26.46
CA THR C 298 28.02 -6.45 27.42
C THR C 298 27.89 -7.96 27.19
N ILE C 299 28.77 -8.48 26.35
CA ILE C 299 28.57 -9.77 25.72
C ILE C 299 28.53 -10.96 26.68
N ARG C 300 29.35 -10.90 27.74
CA ARG C 300 29.31 -11.92 28.80
C ARG C 300 27.90 -12.05 29.41
N ASN C 301 27.24 -10.91 29.61
CA ASN C 301 25.90 -10.86 30.21
C ASN C 301 24.79 -11.25 29.24
N VAL C 302 25.04 -11.01 27.95
CA VAL C 302 24.16 -11.50 26.88
C VAL C 302 24.20 -13.03 26.91
N ALA C 303 25.42 -13.60 26.92
CA ALA C 303 25.61 -15.05 26.98
C ALA C 303 24.88 -15.65 28.18
N ARG C 304 25.09 -15.07 29.35
CA ARG C 304 24.41 -15.50 30.58
C ARG C 304 22.90 -15.44 30.45
N CYS C 305 22.41 -14.29 29.97
CA CYS C 305 20.98 -14.03 29.92
C CYS C 305 20.29 -15.06 29.04
N TRP C 306 20.79 -15.25 27.82
CA TRP C 306 20.10 -16.14 26.88
C TRP C 306 20.28 -17.61 27.19
N THR C 307 21.41 -17.95 27.84
CA THR C 307 21.61 -19.29 28.38
C THR C 307 20.51 -19.62 29.41
N TYR C 308 20.32 -18.72 30.37
CA TYR C 308 19.32 -18.91 31.42
C TYR C 308 17.91 -18.97 30.84
N GLU C 309 17.62 -18.11 29.87
CA GLU C 309 16.29 -18.08 29.25
C GLU C 309 16.03 -19.33 28.43
N THR C 310 17.07 -19.90 27.82
CA THR C 310 16.98 -21.21 27.17
C THR C 310 16.61 -22.29 28.22
N ALA C 311 17.23 -22.20 29.41
CA ALA C 311 16.97 -23.15 30.50
C ALA C 311 15.55 -22.98 31.04
N VAL C 312 15.08 -21.72 31.09
CA VAL C 312 13.70 -21.43 31.48
C VAL C 312 12.73 -22.10 30.50
N ALA C 313 12.99 -21.96 29.19
CA ALA C 313 12.19 -22.62 28.17
C ALA C 313 12.14 -24.12 28.42
N LEU C 314 13.28 -24.69 28.82
CA LEU C 314 13.41 -26.13 29.04
C LEU C 314 12.91 -26.58 30.41
N ASP C 315 12.47 -25.63 31.24
CA ASP C 315 12.07 -25.88 32.64
C ASP C 315 13.19 -26.62 33.38
N CYS C 316 14.36 -25.98 33.43
CA CYS C 316 15.56 -26.60 33.98
C CYS C 316 16.35 -25.57 34.79
N GLU C 317 16.48 -25.84 36.09
CA GLU C 317 17.10 -24.91 37.05
C GLU C 317 18.60 -25.11 37.13
N ILE C 318 19.30 -24.60 36.12
CA ILE C 318 20.75 -24.80 35.97
C ILE C 318 21.60 -24.15 37.09
N PRO C 319 22.76 -24.77 37.43
CA PRO C 319 23.64 -24.26 38.50
C PRO C 319 24.14 -22.84 38.23
N ASN C 320 24.39 -22.11 39.31
CA ASN C 320 24.94 -20.75 39.23
C ASN C 320 26.44 -20.74 38.92
N GLU C 321 27.10 -21.86 39.18
CA GLU C 321 28.52 -22.02 38.87
C GLU C 321 28.63 -22.39 37.40
N LEU C 322 29.18 -21.48 36.60
CA LEU C 322 29.35 -21.72 35.16
C LEU C 322 30.20 -22.96 34.89
N PRO C 323 29.79 -23.80 33.92
CA PRO C 323 30.64 -24.92 33.57
C PRO C 323 31.78 -24.40 32.70
N TYR C 324 32.82 -25.21 32.54
CA TYR C 324 33.91 -24.82 31.68
C TYR C 324 33.40 -24.68 30.25
N ASN C 325 33.89 -23.66 29.54
CA ASN C 325 33.49 -23.36 28.16
C ASN C 325 34.63 -22.65 27.40
N ASP C 326 34.50 -22.52 26.10
CA ASP C 326 35.54 -21.91 25.26
C ASP C 326 35.83 -20.45 25.58
N TYR C 327 34.93 -19.82 26.34
CA TYR C 327 35.04 -18.40 26.67
C TYR C 327 35.03 -18.16 28.17
N PHE C 328 35.47 -19.16 28.92
CA PHE C 328 35.44 -19.12 30.38
C PHE C 328 36.02 -17.83 30.96
N GLU C 329 37.16 -17.38 30.43
CA GLU C 329 37.83 -16.17 30.95
C GLU C 329 37.00 -14.89 30.87
N TYR C 330 36.11 -14.81 29.87
CA TYR C 330 35.21 -13.67 29.70
C TYR C 330 34.26 -13.47 30.90
N PHE C 331 34.07 -14.53 31.67
CA PHE C 331 33.10 -14.51 32.74
C PHE C 331 33.70 -14.24 34.11
N GLY C 332 34.99 -13.88 34.14
CA GLY C 332 35.67 -13.53 35.38
C GLY C 332 35.19 -12.19 35.91
N PRO C 333 35.49 -11.89 37.19
CA PRO C 333 36.28 -12.71 38.12
C PRO C 333 35.48 -13.72 38.96
N ASP C 334 34.15 -13.70 38.88
CA ASP C 334 33.34 -14.59 39.74
C ASP C 334 32.86 -15.87 39.06
N PHE C 335 32.82 -15.87 37.73
CA PHE C 335 32.49 -17.08 36.97
C PHE C 335 31.14 -17.71 37.33
N LYS C 336 30.18 -16.84 37.66
CA LYS C 336 28.80 -17.25 37.95
C LYS C 336 27.84 -16.89 36.81
N LEU C 337 26.70 -17.56 36.76
CA LEU C 337 25.68 -17.34 35.73
C LEU C 337 24.93 -16.05 35.98
N HIS C 338 24.52 -15.83 37.23
CA HIS C 338 23.69 -14.68 37.56
C HIS C 338 24.52 -13.44 37.87
N ILE C 339 23.86 -12.28 37.80
CA ILE C 339 24.55 -10.99 37.98
C ILE C 339 23.85 -10.16 39.04
N SER C 340 24.59 -9.21 39.61
CA SER C 340 24.04 -8.28 40.58
C SER C 340 23.67 -6.96 39.92
N PRO C 341 22.58 -6.33 40.40
CA PRO C 341 22.20 -5.01 39.92
C PRO C 341 23.20 -3.97 40.40
N SER C 342 23.24 -2.81 39.77
CA SER C 342 24.09 -1.75 40.25
C SER C 342 23.33 -0.88 41.26
N ASN C 343 24.01 0.15 41.73
CA ASN C 343 23.47 1.10 42.70
C ASN C 343 22.76 2.31 42.05
N MET C 344 22.64 2.28 40.72
CA MET C 344 22.05 3.40 39.98
C MET C 344 20.65 3.69 40.50
N THR C 345 20.25 4.96 40.44
CA THR C 345 18.91 5.34 40.89
C THR C 345 17.83 4.98 39.87
N ASN C 346 16.73 4.41 40.36
CA ASN C 346 15.56 4.13 39.54
C ASN C 346 14.83 5.45 39.38
N GLN C 347 14.87 6.02 38.17
CA GLN C 347 14.20 7.30 37.91
C GLN C 347 12.69 7.17 37.64
N ASN C 348 12.19 5.94 37.60
CA ASN C 348 10.74 5.68 37.45
C ASN C 348 10.04 5.75 38.80
N THR C 349 9.36 6.86 39.08
CA THR C 349 8.73 7.02 40.38
C THR C 349 7.50 6.11 40.46
N PRO C 350 7.16 5.63 41.67
CA PRO C 350 5.91 4.86 41.83
C PRO C 350 4.75 5.59 41.18
N GLU C 351 4.69 6.91 41.34
CA GLU C 351 3.62 7.71 40.73
C GLU C 351 3.63 7.60 39.20
N TYR C 352 4.80 7.82 38.60
CA TYR C 352 4.95 7.72 37.16
C TYR C 352 4.49 6.34 36.66
N MET C 353 4.99 5.29 37.31
CA MET C 353 4.66 3.92 36.93
C MET C 353 3.15 3.64 37.03
N GLU C 354 2.55 4.11 38.11
CA GLU C 354 1.13 3.91 38.31
C GLU C 354 0.28 4.58 37.24
N LYS C 355 0.63 5.82 36.89
CA LYS C 355 -0.08 6.58 35.86
C LYS C 355 -0.02 5.87 34.49
N ILE C 356 1.18 5.41 34.10
CA ILE C 356 1.31 4.66 32.85
C ILE C 356 0.45 3.39 32.88
N LYS C 357 0.63 2.56 33.91
CA LYS C 357 -0.16 1.32 34.06
C LYS C 357 -1.67 1.57 33.98
N GLN C 358 -2.12 2.62 34.66
CA GLN C 358 -3.53 3.00 34.67
C GLN C 358 -3.99 3.25 33.23
N ARG C 359 -3.25 4.08 32.50
CA ARG C 359 -3.61 4.40 31.10
C ARG C 359 -3.64 3.16 30.20
N LEU C 360 -2.64 2.30 30.31
CA LEU C 360 -2.59 1.09 29.48
C LEU C 360 -3.78 0.17 29.74
N PHE C 361 -4.15 0.00 31.01
CA PHE C 361 -5.34 -0.77 31.35
C PHE C 361 -6.62 -0.18 30.76
N GLU C 362 -6.70 1.16 30.75
CA GLU C 362 -7.83 1.86 30.13
C GLU C 362 -7.91 1.53 28.63
N ASN C 363 -6.75 1.51 27.96
CA ASN C 363 -6.66 1.17 26.54
C ASN C 363 -7.03 -0.28 26.26
N LEU C 364 -6.58 -1.19 27.11
CA LEU C 364 -6.88 -2.62 26.96
C LEU C 364 -8.37 -2.95 27.13
N ARG C 365 -9.10 -2.18 27.93
CA ARG C 365 -10.54 -2.39 28.10
C ARG C 365 -11.34 -1.88 26.89
N MET C 366 -10.64 -1.21 25.97
CA MET C 366 -11.23 -0.73 24.70
C MET C 366 -11.27 -1.79 23.58
N LEU C 367 -10.69 -2.97 23.82
CA LEU C 367 -10.75 -4.07 22.84
C LEU C 367 -12.13 -4.72 22.83
ZN ZN D . -10.04 23.03 -5.10
CA CA E . -4.19 20.13 -2.14
NA NA F . 10.42 23.33 -5.26
N1 LLX G . -9.02 24.38 -6.38
C2 LLX G . -9.29 25.77 -6.39
C3 LLX G . -8.67 26.61 -5.46
C4 LLX G . -8.96 27.97 -5.45
C5 LLX G . -9.86 28.53 -6.37
C6 LLX G . -10.51 27.67 -7.29
C7 LLX G . -10.22 26.32 -7.29
N8 LLX G . -10.81 25.48 -8.26
C9 LLX G . -11.50 24.38 -7.92
O10 LLX G . -11.64 24.11 -6.74
C11 LLX G . -12.04 23.56 -9.03
C12 LLX G . -11.37 23.57 -10.26
C13 LLX G . -11.84 22.82 -11.33
C14 LLX G . -12.99 22.06 -11.19
C15 LLX G . -13.66 22.04 -9.97
C16 LLX G . -13.20 22.78 -8.89
C17 LLX G . -10.19 29.99 -6.35
C18 LLX G . -10.49 30.66 -7.54
C19 LLX G . -10.83 32.02 -7.50
C20 LLX G . -10.87 32.72 -6.29
C21 LLX G . -10.57 32.05 -5.10
C22 LLX G . -10.24 30.70 -5.13
C3' NHE H . 4.82 48.03 1.07
C2' NHE H . 4.02 48.41 2.33
C1' NHE H . 3.00 49.56 2.08
C6' NHE H . 3.68 50.74 1.40
N NHE H . 2.38 50.02 3.32
C1 NHE H . 1.39 49.19 4.02
C1 NHE H . 1.26 49.31 3.92
C2 NHE H . 1.27 49.62 5.48
C2 NHE H . 0.66 50.16 5.03
S NHE H . 0.27 48.70 6.45
S NHE H . -0.92 49.75 5.33
O1 NHE H . -0.16 49.58 7.55
O1 NHE H . -1.85 50.76 4.75
O2 NHE H . 0.96 47.54 7.08
O2 NHE H . -1.11 49.75 6.80
O3 NHE H . -0.91 48.27 5.68
O3 NHE H . -1.22 48.42 4.78
C5' NHE H . 4.51 50.36 0.17
C4' NHE H . 5.53 49.24 0.46
ZN ZN I . -13.40 -20.76 -13.98
CA CA J . -9.16 -25.92 -16.52
NA NA K . -9.94 -32.92 -30.09
N1 LLX L . -14.51 -20.48 -15.73
C2 LLX L . -14.78 -19.24 -16.34
C3 LLX L . -13.87 -18.74 -17.26
C4 LLX L . -14.08 -17.51 -17.86
C5 LLX L . -15.21 -16.76 -17.56
C6 LLX L . -16.13 -17.23 -16.61
C7 LLX L . -15.92 -18.47 -16.00
N8 LLX L . -16.86 -18.99 -15.10
C9 LLX L . -16.62 -19.38 -13.83
O10 LLX L . -15.51 -19.23 -13.35
C11 LLX L . -17.76 -19.95 -13.06
C12 LLX L . -18.81 -20.57 -13.72
C13 LLX L . -19.88 -21.08 -12.97
C14 LLX L . -19.90 -21.02 -11.59
C15 LLX L . -18.85 -20.41 -10.91
C16 LLX L . -17.79 -19.88 -11.65
C17 LLX L . -15.39 -15.42 -18.20
C18 LLX L . -16.68 -14.89 -18.41
C19 LLX L . -16.80 -13.60 -18.94
C20 LLX L . -15.67 -12.84 -19.27
C21 LLX L . -14.40 -13.36 -19.03
C22 LLX L . -14.26 -14.65 -18.49
ZN ZN M . 18.03 -2.46 21.80
CA CA N . 11.21 -2.96 23.97
NA NA O . -1.44 -4.08 15.31
N1 LLX P . 17.59 -2.65 19.73
C2 LLX P . 18.23 -3.61 18.92
C3 LLX P . 17.72 -4.91 18.80
C4 LLX P . 18.36 -5.83 18.00
C5 LLX P . 19.54 -5.47 17.31
C6 LLX P . 20.05 -4.18 17.44
C7 LLX P . 19.41 -3.25 18.25
N8 LLX P . 19.89 -1.93 18.36
C9 LLX P . 20.26 -1.31 19.51
O10 LLX P . 20.27 -1.91 20.58
C11 LLX P . 20.73 0.10 19.45
C12 LLX P . 20.30 0.94 18.41
C13 LLX P . 20.73 2.26 18.32
C14 LLX P . 21.58 2.77 19.30
C15 LLX P . 22.00 1.94 20.34
C16 LLX P . 21.59 0.62 20.42
C17 LLX P . 20.28 -6.44 16.42
C18 LLX P . 20.99 -5.97 15.29
C19 LLX P . 21.70 -6.85 14.49
C20 LLX P . 21.69 -8.21 14.77
C21 LLX P . 21.00 -8.69 15.87
C22 LLX P . 20.29 -7.82 16.70
#